data_6JPF
#
_entry.id   6JPF
#
_entity_poly.entity_id   1
_entity_poly.type   'polypeptide(L)'
_entity_poly.pdbx_seq_one_letter_code
;MATLKDIGVSAGINILTAFIFFIIFAFLRLQPFNDRVYFSKWYLRGLRSSPASGGGFAGRFVNLELRSYLKFLHWMPEAL
KMPERELIDHAGLDSVVYLRIYWLGLKIFAPIAMLAWAVLVPVNWTNNELELAKHFKNVTSSDIDKLTISNIPEGSNRFW
AHIIMAYAFTIWTCYMLMKEYETVANMRLQFLASEGRRPDQFTVLVRNVPPDPDETVSELVEHFFLVNHPDNYLTHQVVC
NANKLADLVSKKTKLQNWLDYYQLKYTRNNSQIRPITKLGCLGLCGQKVDAIEHYIAEVDKTSKEIAEERENVVNDQKSV
MPASFVSFKTRWAAAVCAQTTQTRNPTEWLTEWAAEPRDIYWPNLAIPYVSLTVRRLVMNVAFFFLTFFFIIPIAFVQSL
ATIEGIEKVAPFLKVIIEKDFIKSLIQGLLAGIALKLFLIFLPAILMTMSKFEGFTSVSFLERRSASRYYIFNLVNVFLG
SVIAGAAFEQLNSFLNQSPNQIPKTIGMAIPMKATFFITYIMVDGWAGVAGEILMLKPLIIYHLKNAFLVKTEKDREEAM
NPGSIGFNTGEPQIQLYFLLGLVYAPVTPMLLPFILVFFALAYVVYRHQIINVYNQEYESAAAFWPDVHGRVITALIISQ
LLLMGLLGTKHAASAAPFLIALPVITIGFHRFCKGRFEPAFVRYPLQEAMMKDTLERAREPNLNLKGYLQDAYIHPVFKG
GDNDDDGDMIGKLENEVIIVPTKRQSRRNTPAPSRISGESSPSLAVINGKEV
;
_entity_poly.pdbx_strand_id   A,B
#
# COMPACT_ATOMS: atom_id res chain seq x y z
N LEU A 4 -44.94 1.42 -9.33
CA LEU A 4 -44.54 0.33 -10.21
C LEU A 4 -45.17 0.49 -11.59
N LYS A 5 -46.31 1.18 -11.65
CA LYS A 5 -46.88 1.57 -12.94
C LYS A 5 -45.99 2.59 -13.62
N ASP A 6 -45.42 3.52 -12.85
CA ASP A 6 -44.44 4.46 -13.40
C ASP A 6 -43.19 3.72 -13.89
N ILE A 7 -42.72 2.74 -13.11
CA ILE A 7 -41.62 1.89 -13.55
C ILE A 7 -42.01 1.12 -14.81
N GLY A 8 -43.26 0.65 -14.85
CA GLY A 8 -43.71 -0.07 -16.04
C GLY A 8 -43.67 0.78 -17.29
N VAL A 9 -44.16 2.02 -17.19
CA VAL A 9 -44.16 2.89 -18.36
C VAL A 9 -42.76 3.40 -18.68
N SER A 10 -41.90 3.61 -17.68
CA SER A 10 -40.51 3.92 -17.96
C SER A 10 -39.84 2.80 -18.73
N ALA A 11 -40.02 1.56 -18.27
CA ALA A 11 -39.46 0.41 -18.96
C ALA A 11 -40.05 0.24 -20.35
N GLY A 12 -41.33 0.55 -20.51
CA GLY A 12 -41.94 0.44 -21.83
C GLY A 12 -41.42 1.49 -22.78
N ILE A 13 -41.43 2.76 -22.36
CA ILE A 13 -40.87 3.84 -23.16
C ILE A 13 -39.42 3.54 -23.53
N ASN A 14 -38.67 2.94 -22.61
CA ASN A 14 -37.25 2.77 -22.86
C ASN A 14 -36.94 1.51 -23.68
N ILE A 15 -37.74 0.45 -23.58
CA ILE A 15 -37.57 -0.65 -24.52
C ILE A 15 -38.02 -0.23 -25.92
N LEU A 16 -39.05 0.62 -26.00
CA LEU A 16 -39.45 1.13 -27.29
C LEU A 16 -38.40 2.10 -27.84
N THR A 17 -37.74 2.86 -26.98
CA THR A 17 -36.66 3.73 -27.44
C THR A 17 -35.44 2.93 -27.86
N ALA A 18 -35.15 1.85 -27.13
CA ALA A 18 -34.07 0.96 -27.52
C ALA A 18 -34.35 0.35 -28.89
N PHE A 19 -35.58 -0.11 -29.11
CA PHE A 19 -35.89 -0.72 -30.40
C PHE A 19 -36.02 0.33 -31.51
N ILE A 20 -36.40 1.56 -31.17
CA ILE A 20 -36.39 2.65 -32.15
C ILE A 20 -34.96 2.96 -32.56
N PHE A 21 -34.05 3.02 -31.59
CA PHE A 21 -32.65 3.20 -31.90
C PHE A 21 -32.12 2.04 -32.72
N PHE A 22 -32.51 0.81 -32.39
CA PHE A 22 -32.12 -0.33 -33.19
C PHE A 22 -32.63 -0.21 -34.62
N ILE A 23 -33.86 0.28 -34.79
CA ILE A 23 -34.44 0.43 -36.12
C ILE A 23 -33.64 1.46 -36.92
N ILE A 24 -33.53 2.67 -36.40
CA ILE A 24 -32.84 3.74 -37.11
C ILE A 24 -31.38 3.37 -37.33
N PHE A 25 -30.82 2.56 -36.44
CA PHE A 25 -29.41 2.21 -36.48
C PHE A 25 -29.15 1.11 -37.51
N ALA A 26 -30.06 0.14 -37.61
CA ALA A 26 -30.03 -0.80 -38.73
C ALA A 26 -30.15 -0.08 -40.05
N PHE A 27 -31.09 0.88 -40.13
CA PHE A 27 -31.24 1.67 -41.35
C PHE A 27 -29.94 2.38 -41.71
N LEU A 28 -29.33 3.05 -40.72
CA LEU A 28 -28.10 3.78 -40.98
C LEU A 28 -26.98 2.86 -41.41
N ARG A 29 -26.82 1.71 -40.73
CA ARG A 29 -25.82 0.73 -41.15
C ARG A 29 -26.05 0.29 -42.59
N LEU A 30 -27.31 0.08 -42.98
CA LEU A 30 -27.59 -0.44 -44.31
C LEU A 30 -27.29 0.59 -45.39
N GLN A 31 -27.55 1.87 -45.12
CA GLN A 31 -27.18 2.92 -46.07
C GLN A 31 -25.67 3.14 -46.02
N PRO A 32 -24.95 2.92 -47.12
CA PRO A 32 -23.49 2.79 -47.05
C PRO A 32 -22.73 4.10 -46.95
N PHE A 33 -23.35 5.25 -47.24
CA PHE A 33 -22.59 6.50 -47.24
C PHE A 33 -22.18 6.93 -45.84
N ASN A 34 -22.85 6.44 -44.80
CA ASN A 34 -22.38 6.61 -43.43
C ASN A 34 -21.74 5.34 -42.88
N ASP A 35 -21.56 4.33 -43.74
CA ASP A 35 -20.96 3.07 -43.34
C ASP A 35 -19.66 3.26 -42.58
N ARG A 36 -18.84 4.23 -43.02
CA ARG A 36 -17.57 4.48 -42.35
C ARG A 36 -17.74 4.70 -40.86
N VAL A 37 -18.76 5.47 -40.46
CA VAL A 37 -18.96 5.72 -39.04
C VAL A 37 -19.20 4.42 -38.30
N TYR A 38 -20.03 3.53 -38.85
CA TYR A 38 -20.46 2.35 -38.12
C TYR A 38 -19.46 1.20 -38.20
N PHE A 39 -18.60 1.21 -39.21
CA PHE A 39 -17.47 0.29 -39.28
C PHE A 39 -16.22 1.16 -39.30
N SER A 40 -15.75 1.55 -38.12
CA SER A 40 -14.47 2.24 -38.06
C SER A 40 -13.31 1.25 -38.02
N LYS A 41 -13.39 0.27 -37.14
CA LYS A 41 -12.57 -0.91 -37.35
C LYS A 41 -13.09 -1.68 -38.56
N TRP A 42 -12.23 -2.53 -39.12
CA TRP A 42 -12.32 -3.06 -40.48
C TRP A 42 -11.96 -1.96 -41.47
N TYR A 43 -11.86 -0.73 -41.00
CA TYR A 43 -11.36 0.38 -41.80
C TYR A 43 -10.07 0.95 -41.24
N LEU A 44 -9.92 0.97 -39.91
CA LEU A 44 -8.60 1.19 -39.34
C LEU A 44 -7.70 -0.01 -39.59
N ARG A 45 -8.24 -1.22 -39.44
CA ARG A 45 -7.50 -2.43 -39.76
C ARG A 45 -7.45 -2.71 -41.26
N GLY A 46 -8.17 -1.94 -42.08
CA GLY A 46 -8.16 -2.14 -43.51
C GLY A 46 -8.80 -3.42 -43.99
N LEU A 47 -9.47 -4.17 -43.10
CA LEU A 47 -10.07 -5.44 -43.50
C LEU A 47 -11.21 -5.22 -44.49
N ARG A 48 -12.06 -4.22 -44.25
CA ARG A 48 -13.12 -3.84 -45.16
C ARG A 48 -12.80 -2.49 -45.79
N SER A 49 -13.56 -2.14 -46.82
CA SER A 49 -13.33 -0.90 -47.55
C SER A 49 -14.55 -0.59 -48.41
N SER A 50 -14.62 0.67 -48.85
CA SER A 50 -15.66 1.14 -49.76
C SER A 50 -17.07 0.84 -49.23
N LEU A 70 -36.93 -8.52 -38.14
CA LEU A 70 -36.40 -9.19 -39.33
C LEU A 70 -34.93 -8.83 -39.55
N LYS A 71 -34.66 -7.56 -39.83
CA LYS A 71 -33.29 -7.13 -40.10
C LYS A 71 -32.47 -7.07 -38.81
N PHE A 72 -33.08 -6.64 -37.71
CA PHE A 72 -32.38 -6.57 -36.43
C PHE A 72 -31.90 -7.94 -35.97
N LEU A 73 -32.53 -9.02 -36.42
CA LEU A 73 -32.12 -10.37 -36.04
C LEU A 73 -30.77 -10.77 -36.63
N HIS A 74 -30.24 -10.00 -37.58
CA HIS A 74 -28.91 -10.25 -38.13
C HIS A 74 -27.84 -9.37 -37.49
N TRP A 75 -28.20 -8.56 -36.50
CA TRP A 75 -27.27 -7.63 -35.88
C TRP A 75 -26.74 -8.13 -34.54
N MET A 76 -27.63 -8.38 -33.59
CA MET A 76 -27.18 -8.83 -32.26
C MET A 76 -26.44 -10.15 -32.29
N PRO A 77 -26.86 -11.18 -33.02
CA PRO A 77 -26.06 -12.41 -33.04
C PRO A 77 -24.72 -12.23 -33.72
N GLU A 78 -24.66 -11.40 -34.77
CA GLU A 78 -23.42 -11.21 -35.51
C GLU A 78 -22.32 -10.63 -34.62
N ALA A 79 -22.69 -9.90 -33.57
CA ALA A 79 -21.69 -9.38 -32.64
C ALA A 79 -21.08 -10.49 -31.81
N LEU A 80 -21.86 -11.50 -31.44
CA LEU A 80 -21.37 -12.60 -30.63
C LEU A 80 -20.84 -13.76 -31.46
N LYS A 81 -21.04 -13.75 -32.78
CA LYS A 81 -20.37 -14.71 -33.64
C LYS A 81 -18.86 -14.54 -33.63
N MET A 82 -18.37 -13.45 -33.05
CA MET A 82 -16.94 -13.21 -32.92
C MET A 82 -16.39 -13.97 -31.72
N PRO A 83 -15.36 -14.80 -31.90
CA PRO A 83 -14.79 -15.52 -30.76
C PRO A 83 -14.03 -14.59 -29.83
N GLU A 84 -13.48 -15.15 -28.74
CA GLU A 84 -12.86 -14.33 -27.70
C GLU A 84 -11.44 -13.93 -28.05
N ARG A 85 -10.56 -14.93 -28.21
CA ARG A 85 -9.15 -14.65 -28.50
C ARG A 85 -8.98 -13.90 -29.81
N GLU A 86 -9.82 -14.21 -30.80
CA GLU A 86 -9.76 -13.46 -32.05
C GLU A 86 -10.22 -12.01 -31.84
N LEU A 87 -11.18 -11.77 -30.96
CA LEU A 87 -11.55 -10.39 -30.63
C LEU A 87 -10.40 -9.67 -29.95
N ILE A 88 -9.68 -10.37 -29.06
CA ILE A 88 -8.48 -9.78 -28.45
C ILE A 88 -7.51 -9.33 -29.53
N ASP A 89 -7.06 -10.29 -30.36
CA ASP A 89 -6.15 -9.96 -31.44
C ASP A 89 -6.72 -8.90 -32.37
N HIS A 90 -8.05 -8.77 -32.43
CA HIS A 90 -8.70 -7.82 -33.32
C HIS A 90 -8.62 -6.39 -32.78
N ALA A 91 -9.13 -6.16 -31.58
CA ALA A 91 -9.30 -4.82 -31.05
C ALA A 91 -8.74 -4.67 -29.65
N GLY A 92 -7.58 -5.27 -29.39
CA GLY A 92 -6.90 -5.03 -28.13
C GLY A 92 -7.54 -5.76 -26.97
N LEU A 93 -6.75 -5.94 -25.91
CA LEU A 93 -7.23 -6.67 -24.75
C LEU A 93 -8.09 -5.79 -23.84
N ASP A 94 -7.82 -4.49 -23.79
CA ASP A 94 -8.59 -3.60 -22.93
C ASP A 94 -10.06 -3.57 -23.34
N SER A 95 -10.34 -3.52 -24.64
CA SER A 95 -11.71 -3.53 -25.09
C SER A 95 -12.41 -4.84 -24.70
N VAL A 96 -11.77 -5.97 -24.98
CA VAL A 96 -12.42 -7.23 -24.70
C VAL A 96 -12.62 -7.42 -23.21
N VAL A 97 -11.74 -6.85 -22.37
CA VAL A 97 -11.96 -7.01 -20.95
C VAL A 97 -12.94 -5.97 -20.42
N TYR A 98 -13.17 -4.88 -21.13
CA TYR A 98 -14.33 -4.04 -20.83
C TYR A 98 -15.63 -4.80 -21.08
N LEU A 99 -15.71 -5.44 -22.25
CA LEU A 99 -16.80 -6.40 -22.46
C LEU A 99 -16.84 -7.44 -21.37
N ARG A 100 -15.67 -7.81 -20.83
CA ARG A 100 -15.63 -8.77 -19.75
C ARG A 100 -16.21 -8.18 -18.47
N ILE A 101 -16.11 -6.87 -18.27
CA ILE A 101 -16.81 -6.23 -17.16
C ILE A 101 -18.32 -6.38 -17.34
N TYR A 102 -18.79 -6.22 -18.58
CA TYR A 102 -20.21 -6.45 -18.85
C TYR A 102 -20.61 -7.89 -18.53
N TRP A 103 -19.87 -8.86 -19.09
CA TRP A 103 -20.20 -10.25 -18.83
C TRP A 103 -20.02 -10.62 -17.38
N LEU A 104 -19.18 -9.88 -16.65
CA LEU A 104 -19.07 -10.06 -15.21
C LEU A 104 -20.31 -9.54 -14.51
N GLY A 105 -20.87 -8.43 -15.00
CA GLY A 105 -22.17 -7.99 -14.52
C GLY A 105 -23.22 -9.06 -14.71
N LEU A 106 -23.23 -9.70 -15.87
CA LEU A 106 -24.14 -10.81 -16.10
C LEU A 106 -23.89 -11.95 -15.10
N LYS A 107 -22.64 -12.40 -15.01
CA LYS A 107 -22.29 -13.51 -14.12
C LYS A 107 -22.56 -13.18 -12.66
N ILE A 108 -22.54 -11.89 -12.30
CA ILE A 108 -22.69 -11.51 -10.91
C ILE A 108 -24.15 -11.23 -10.55
N PHE A 109 -24.99 -10.87 -11.51
CA PHE A 109 -26.35 -10.49 -11.21
C PHE A 109 -27.41 -11.42 -11.76
N ALA A 110 -27.04 -12.40 -12.59
CA ALA A 110 -28.02 -13.39 -13.00
C ALA A 110 -28.21 -14.41 -11.87
N PRO A 111 -27.13 -14.96 -11.29
CA PRO A 111 -27.33 -15.79 -10.09
C PRO A 111 -27.88 -14.99 -8.93
N ILE A 112 -27.45 -13.73 -8.80
CA ILE A 112 -27.99 -12.87 -7.75
C ILE A 112 -29.46 -12.62 -7.99
N ALA A 113 -29.87 -12.47 -9.25
CA ALA A 113 -31.29 -12.29 -9.54
C ALA A 113 -32.07 -13.56 -9.22
N MET A 114 -31.54 -14.73 -9.58
CA MET A 114 -32.23 -15.97 -9.27
C MET A 114 -32.42 -16.11 -7.77
N LEU A 115 -31.34 -15.92 -7.00
CA LEU A 115 -31.40 -16.09 -5.56
C LEU A 115 -32.17 -14.98 -4.86
N ALA A 116 -32.35 -13.82 -5.52
CA ALA A 116 -33.14 -12.74 -4.95
C ALA A 116 -34.61 -12.86 -5.25
N TRP A 117 -34.98 -13.37 -6.41
CA TRP A 117 -36.38 -13.70 -6.68
C TRP A 117 -36.79 -15.00 -6.00
N ALA A 118 -35.83 -15.81 -5.55
CA ALA A 118 -36.15 -16.95 -4.71
C ALA A 118 -36.45 -16.54 -3.27
N VAL A 119 -36.10 -15.32 -2.87
CA VAL A 119 -36.33 -14.88 -1.49
C VAL A 119 -37.04 -13.54 -1.46
N LEU A 120 -37.57 -13.12 -2.60
CA LEU A 120 -38.39 -11.92 -2.65
C LEU A 120 -39.87 -12.22 -2.50
N VAL A 121 -40.28 -13.42 -2.88
CA VAL A 121 -41.67 -13.84 -2.76
C VAL A 121 -42.16 -13.93 -1.31
N PRO A 122 -41.32 -14.26 -0.31
CA PRO A 122 -41.86 -14.26 1.06
C PRO A 122 -42.15 -12.88 1.60
N VAL A 123 -41.28 -11.90 1.36
CA VAL A 123 -41.47 -10.58 1.94
C VAL A 123 -42.63 -9.84 1.28
N ASN A 124 -42.90 -10.13 0.01
CA ASN A 124 -43.99 -9.47 -0.70
C ASN A 124 -44.87 -10.48 -1.42
N SER A 156 -38.78 -8.40 12.30
CA SER A 156 -39.42 -9.66 11.91
C SER A 156 -38.39 -10.74 11.60
N ASN A 157 -38.87 -11.94 11.29
CA ASN A 157 -38.00 -13.07 11.02
C ASN A 157 -37.60 -13.19 9.56
N ARG A 158 -38.32 -12.53 8.65
CA ARG A 158 -37.97 -12.58 7.24
C ARG A 158 -36.60 -11.95 6.99
N PHE A 159 -36.29 -10.86 7.71
CA PHE A 159 -35.02 -10.18 7.53
C PHE A 159 -33.85 -11.08 7.90
N TRP A 160 -34.04 -11.96 8.89
CA TRP A 160 -33.05 -12.98 9.17
C TRP A 160 -32.89 -13.94 7.99
N ALA A 161 -34.00 -14.27 7.33
CA ALA A 161 -33.93 -15.18 6.20
C ALA A 161 -33.35 -14.54 4.95
N HIS A 162 -33.26 -13.20 4.87
CA HIS A 162 -32.63 -12.60 3.71
C HIS A 162 -31.29 -11.96 4.03
N ILE A 163 -30.86 -11.91 5.29
CA ILE A 163 -29.49 -11.47 5.51
C ILE A 163 -28.52 -12.57 5.10
N ILE A 164 -28.90 -13.83 5.29
CA ILE A 164 -28.10 -14.93 4.75
C ILE A 164 -28.10 -14.87 3.23
N MET A 165 -29.15 -14.31 2.62
CA MET A 165 -29.15 -14.16 1.17
C MET A 165 -28.32 -12.97 0.73
N ALA A 166 -28.22 -11.93 1.56
CA ALA A 166 -27.25 -10.86 1.31
C ALA A 166 -25.82 -11.41 1.38
N TYR A 167 -25.56 -12.28 2.35
CA TYR A 167 -24.32 -13.06 2.36
C TYR A 167 -24.15 -13.76 1.02
N ALA A 168 -25.08 -14.64 0.67
CA ALA A 168 -25.03 -15.36 -0.61
C ALA A 168 -24.71 -14.42 -1.77
N PHE A 169 -25.34 -13.25 -1.82
CA PHE A 169 -25.04 -12.26 -2.84
C PHE A 169 -23.56 -11.89 -2.82
N THR A 170 -23.04 -11.52 -1.65
CA THR A 170 -21.68 -11.01 -1.59
C THR A 170 -20.64 -12.12 -1.75
N ILE A 171 -20.91 -13.30 -1.20
CA ILE A 171 -20.05 -14.46 -1.42
C ILE A 171 -20.03 -14.83 -2.90
N TRP A 172 -21.18 -14.72 -3.58
CA TRP A 172 -21.20 -15.05 -4.99
C TRP A 172 -20.48 -14.01 -5.83
N THR A 173 -20.69 -12.73 -5.52
CA THR A 173 -19.95 -11.72 -6.27
C THR A 173 -18.47 -11.76 -5.96
N CYS A 174 -18.08 -12.19 -4.76
CA CYS A 174 -16.66 -12.32 -4.51
C CYS A 174 -16.08 -13.54 -5.20
N TYR A 175 -16.76 -14.68 -5.19
CA TYR A 175 -16.27 -15.81 -5.96
C TYR A 175 -16.20 -15.47 -7.44
N MET A 176 -17.21 -14.75 -7.94
CA MET A 176 -17.21 -14.36 -9.35
C MET A 176 -16.12 -13.35 -9.64
N LEU A 177 -15.88 -12.40 -8.73
CA LEU A 177 -14.83 -11.42 -8.91
C LEU A 177 -13.46 -12.03 -8.79
N MET A 178 -13.30 -13.07 -7.96
CA MET A 178 -12.02 -13.78 -7.88
C MET A 178 -11.74 -14.53 -9.17
N LYS A 179 -12.68 -15.40 -9.56
CA LYS A 179 -12.52 -16.13 -10.81
C LYS A 179 -12.31 -15.17 -11.97
N GLU A 180 -13.02 -14.05 -11.96
CA GLU A 180 -12.98 -13.11 -13.07
C GLU A 180 -11.72 -12.26 -13.04
N TYR A 181 -11.28 -11.86 -11.85
CA TYR A 181 -10.02 -11.15 -11.71
C TYR A 181 -8.86 -12.02 -12.13
N GLU A 182 -8.87 -13.30 -11.72
CA GLU A 182 -7.87 -14.24 -12.19
C GLU A 182 -7.95 -14.45 -13.69
N THR A 183 -9.16 -14.46 -14.24
CA THR A 183 -9.32 -14.66 -15.68
C THR A 183 -8.77 -13.48 -16.46
N VAL A 184 -9.12 -12.27 -16.06
CA VAL A 184 -8.63 -11.08 -16.76
C VAL A 184 -7.12 -10.92 -16.58
N ALA A 185 -6.60 -11.26 -15.39
CA ALA A 185 -5.15 -11.22 -15.21
C ALA A 185 -4.46 -12.28 -16.07
N ASN A 186 -5.04 -13.48 -16.14
CA ASN A 186 -4.45 -14.55 -16.93
C ASN A 186 -4.41 -14.18 -18.40
N MET A 187 -5.53 -13.66 -18.92
CA MET A 187 -5.55 -13.23 -20.31
C MET A 187 -4.69 -11.99 -20.52
N ARG A 188 -4.50 -11.17 -19.48
CA ARG A 188 -3.60 -10.03 -19.59
C ARG A 188 -2.17 -10.50 -19.76
N LEU A 189 -1.72 -11.42 -18.92
CA LEU A 189 -0.34 -11.89 -19.01
C LEU A 189 -0.13 -12.68 -20.29
N GLN A 190 -1.12 -13.47 -20.71
CA GLN A 190 -1.01 -14.16 -21.99
C GLN A 190 -0.95 -13.16 -23.15
N PHE A 191 -1.68 -12.05 -23.05
CA PHE A 191 -1.64 -11.03 -24.08
C PHE A 191 -0.31 -10.28 -24.09
N LEU A 192 0.25 -10.02 -22.90
CA LEU A 192 1.53 -9.34 -22.82
C LEU A 192 2.66 -10.23 -23.33
N ALA A 193 2.57 -11.53 -23.10
CA ALA A 193 3.54 -12.45 -23.69
C ALA A 193 3.30 -12.63 -25.18
N SER A 194 2.06 -12.43 -25.65
CA SER A 194 1.73 -12.63 -27.05
C SER A 194 1.75 -11.36 -27.87
N GLU A 195 1.73 -10.19 -27.24
CA GLU A 195 1.84 -8.94 -27.98
C GLU A 195 3.23 -8.82 -28.60
N GLY A 196 3.30 -8.35 -29.84
CA GLY A 196 4.55 -8.16 -30.50
C GLY A 196 5.34 -7.00 -29.91
N ARG A 197 6.35 -6.56 -30.65
CA ARG A 197 7.13 -5.41 -30.22
C ARG A 197 6.24 -4.19 -30.08
N ARG A 198 6.51 -3.41 -29.06
CA ARG A 198 5.77 -2.19 -28.78
C ARG A 198 6.60 -1.40 -27.79
N PRO A 199 6.88 -0.12 -28.06
CA PRO A 199 7.83 0.61 -27.20
C PRO A 199 7.40 0.67 -25.74
N ASP A 200 6.10 0.53 -25.44
CA ASP A 200 5.65 0.52 -24.06
C ASP A 200 6.31 -0.58 -23.25
N GLN A 201 6.61 -1.72 -23.87
CA GLN A 201 7.29 -2.79 -23.15
C GLN A 201 8.77 -2.51 -22.95
N PHE A 202 9.39 -1.78 -23.86
CA PHE A 202 10.84 -1.64 -23.87
C PHE A 202 11.34 -0.41 -23.15
N THR A 203 10.47 0.48 -22.69
CA THR A 203 10.91 1.75 -22.16
C THR A 203 10.23 2.04 -20.82
N VAL A 204 10.64 3.18 -20.25
CA VAL A 204 10.20 3.60 -18.94
C VAL A 204 10.23 5.12 -18.95
N LEU A 205 9.50 5.74 -18.02
CA LEU A 205 9.44 7.19 -17.89
C LEU A 205 10.11 7.59 -16.58
N VAL A 206 11.17 8.38 -16.67
CA VAL A 206 11.79 8.97 -15.49
C VAL A 206 11.19 10.36 -15.32
N ARG A 207 10.43 10.55 -14.25
CA ARG A 207 9.63 11.76 -14.15
C ARG A 207 10.45 12.94 -13.63
N ASN A 208 11.06 12.80 -12.47
CA ASN A 208 11.76 13.90 -11.82
C ASN A 208 13.25 13.59 -11.78
N VAL A 209 14.05 14.44 -12.41
CA VAL A 209 15.50 14.35 -12.28
C VAL A 209 15.98 15.61 -11.56
N PRO A 210 17.17 15.58 -10.98
CA PRO A 210 17.72 16.79 -10.36
C PRO A 210 18.32 17.71 -11.40
N PRO A 211 17.73 18.88 -11.63
CA PRO A 211 18.28 19.84 -12.58
C PRO A 211 19.45 20.65 -12.05
N ASP A 212 20.01 20.25 -10.91
CA ASP A 212 21.02 21.07 -10.24
C ASP A 212 22.25 21.37 -11.09
N PRO A 213 22.93 20.40 -11.69
CA PRO A 213 24.18 20.73 -12.39
C PRO A 213 23.91 21.56 -13.62
N ASP A 214 24.96 22.29 -14.04
CA ASP A 214 24.89 23.02 -15.29
C ASP A 214 24.73 22.09 -16.49
N GLU A 215 25.00 20.79 -16.31
CA GLU A 215 24.87 19.83 -17.39
C GLU A 215 23.40 19.59 -17.72
N THR A 216 23.12 19.41 -19.01
CA THR A 216 21.76 19.29 -19.50
C THR A 216 21.09 18.00 -19.03
N VAL A 217 19.76 17.99 -19.08
CA VAL A 217 18.99 16.84 -18.59
C VAL A 217 19.20 15.63 -19.50
N SER A 218 19.41 15.86 -20.79
CA SER A 218 19.59 14.75 -21.72
C SER A 218 20.82 13.91 -21.34
N GLU A 219 22.00 14.53 -21.41
CA GLU A 219 23.21 13.84 -21.00
C GLU A 219 23.18 13.45 -19.53
N LEU A 220 22.39 14.16 -18.71
CA LEU A 220 22.27 13.81 -17.29
C LEU A 220 21.64 12.43 -17.12
N VAL A 221 20.45 12.23 -17.70
CA VAL A 221 19.80 10.93 -17.58
C VAL A 221 20.58 9.87 -18.35
N GLU A 222 21.23 10.26 -19.45
CA GLU A 222 22.08 9.31 -20.18
C GLU A 222 23.20 8.80 -19.29
N HIS A 223 23.86 9.70 -18.55
CA HIS A 223 24.91 9.29 -17.63
C HIS A 223 24.35 8.48 -16.48
N PHE A 224 23.20 8.91 -15.94
CA PHE A 224 22.56 8.19 -14.84
C PHE A 224 22.33 6.73 -15.19
N PHE A 225 21.76 6.47 -16.36
CA PHE A 225 21.45 5.09 -16.72
C PHE A 225 22.62 4.34 -17.33
N LEU A 226 23.61 5.03 -17.93
CA LEU A 226 24.84 4.36 -18.30
C LEU A 226 25.55 3.85 -17.06
N VAL A 227 25.46 4.59 -15.96
CA VAL A 227 26.07 4.15 -14.70
C VAL A 227 25.24 3.05 -14.06
N ASN A 228 23.91 3.23 -14.01
CA ASN A 228 23.11 2.36 -13.16
C ASN A 228 22.70 1.07 -13.87
N HIS A 229 22.35 1.14 -15.15
CA HIS A 229 21.84 -0.01 -15.89
C HIS A 229 22.75 -0.35 -17.06
N PRO A 230 24.01 -0.70 -16.80
CA PRO A 230 24.94 -0.96 -17.91
C PRO A 230 24.57 -2.25 -18.63
N ASP A 231 24.92 -2.29 -19.92
CA ASP A 231 24.59 -3.37 -20.84
C ASP A 231 23.08 -3.55 -21.00
N ASN A 232 22.29 -2.60 -20.53
CA ASN A 232 20.83 -2.67 -20.62
C ASN A 232 20.22 -1.39 -21.16
N TYR A 233 20.74 -0.23 -20.76
CA TYR A 233 20.14 1.05 -21.14
C TYR A 233 20.44 1.36 -22.60
N LEU A 234 19.38 1.57 -23.38
CA LEU A 234 19.51 1.76 -24.81
C LEU A 234 19.56 3.25 -25.19
N THR A 235 18.49 3.98 -24.93
CA THR A 235 18.43 5.39 -25.32
C THR A 235 17.46 6.13 -24.42
N HIS A 236 17.90 7.30 -23.96
CA HIS A 236 17.01 8.27 -23.35
C HIS A 236 16.19 8.97 -24.42
N GLN A 237 15.15 9.66 -24.00
CA GLN A 237 14.39 10.51 -24.91
C GLN A 237 13.74 11.62 -24.09
N VAL A 238 14.40 12.77 -24.05
CA VAL A 238 13.92 13.87 -23.21
C VAL A 238 12.55 14.32 -23.68
N VAL A 239 11.62 14.43 -22.73
CA VAL A 239 10.32 15.01 -23.04
C VAL A 239 10.47 16.51 -23.17
N CYS A 240 9.89 17.08 -24.22
CA CYS A 240 9.96 18.50 -24.47
C CYS A 240 8.71 19.18 -23.91
N ASN A 241 8.84 20.47 -23.62
CA ASN A 241 7.65 21.24 -23.26
C ASN A 241 6.97 21.68 -24.55
N ALA A 242 6.75 20.73 -25.45
CA ALA A 242 6.02 21.02 -26.67
C ALA A 242 4.53 21.22 -26.42
N ASN A 243 4.10 21.22 -25.15
CA ASN A 243 2.72 21.52 -24.83
C ASN A 243 2.27 22.80 -25.53
N LYS A 244 3.11 23.84 -25.51
CA LYS A 244 2.79 25.04 -26.26
C LYS A 244 2.85 24.79 -27.76
N LEU A 245 3.87 24.08 -28.23
CA LEU A 245 3.95 23.78 -29.66
C LEU A 245 2.84 22.83 -30.09
N ALA A 246 2.49 21.86 -29.25
CA ALA A 246 1.41 20.93 -29.60
C ALA A 246 0.07 21.66 -29.64
N ASP A 247 -0.19 22.54 -28.67
CA ASP A 247 -1.40 23.35 -28.71
C ASP A 247 -1.41 24.25 -29.95
N LEU A 248 -0.23 24.77 -30.33
CA LEU A 248 -0.15 25.63 -31.50
C LEU A 248 -0.46 24.86 -32.77
N VAL A 249 0.07 23.65 -32.90
CA VAL A 249 -0.19 22.85 -34.11
C VAL A 249 -1.63 22.34 -34.12
N SER A 250 -2.21 22.04 -32.96
CA SER A 250 -3.62 21.68 -32.93
C SER A 250 -4.50 22.85 -33.35
N LYS A 251 -4.18 24.05 -32.87
CA LYS A 251 -4.89 25.24 -33.35
C LYS A 251 -4.67 25.42 -34.85
N LYS A 252 -3.45 25.13 -35.32
CA LYS A 252 -3.14 25.24 -36.74
C LYS A 252 -4.04 24.35 -37.57
N THR A 253 -4.11 23.06 -37.23
CA THR A 253 -4.93 22.15 -38.02
C THR A 253 -6.42 22.42 -37.83
N LYS A 254 -6.82 22.93 -36.65
CA LYS A 254 -8.22 23.27 -36.44
C LYS A 254 -8.64 24.42 -37.36
N LEU A 255 -7.92 25.53 -37.31
CA LEU A 255 -8.22 26.63 -38.23
C LEU A 255 -7.92 26.24 -39.68
N GLN A 256 -7.10 25.22 -39.91
CA GLN A 256 -6.87 24.76 -41.27
C GLN A 256 -8.11 24.10 -41.84
N ASN A 257 -8.74 23.21 -41.08
CA ASN A 257 -10.00 22.64 -41.55
C ASN A 257 -11.10 23.70 -41.56
N TRP A 258 -11.04 24.68 -40.66
CA TRP A 258 -11.98 25.81 -40.74
C TRP A 258 -11.81 26.57 -42.04
N LEU A 259 -10.57 26.70 -42.52
CA LEU A 259 -10.31 27.37 -43.78
C LEU A 259 -10.80 26.52 -44.95
N ASP A 260 -10.52 25.21 -44.92
CA ASP A 260 -11.00 24.32 -45.96
C ASP A 260 -12.52 24.32 -46.02
N TYR A 261 -13.18 24.59 -44.90
CA TYR A 261 -14.64 24.76 -44.89
C TYR A 261 -15.06 25.77 -45.93
N TYR A 262 -14.54 26.99 -45.84
CA TYR A 262 -14.92 28.04 -46.78
C TYR A 262 -14.34 27.78 -48.17
N GLN A 263 -13.16 27.16 -48.24
CA GLN A 263 -12.58 26.81 -49.53
C GLN A 263 -13.51 25.91 -50.33
N LEU A 264 -14.05 24.86 -49.70
CA LEU A 264 -15.02 23.99 -50.33
C LEU A 264 -16.41 24.62 -50.40
N LYS A 265 -16.67 25.65 -49.60
CA LYS A 265 -17.99 26.26 -49.59
C LYS A 265 -18.20 27.19 -50.77
N TYR A 266 -17.28 28.12 -51.00
CA TYR A 266 -17.55 29.18 -51.96
C TYR A 266 -17.74 28.64 -53.39
N THR A 267 -16.65 28.21 -54.02
CA THR A 267 -16.63 27.50 -55.29
C THR A 267 -17.24 28.30 -56.46
N ARG A 268 -17.92 29.41 -56.15
CA ARG A 268 -18.43 30.31 -57.18
C ARG A 268 -17.96 31.73 -56.92
N ASN A 269 -18.17 32.19 -55.69
CA ASN A 269 -17.81 33.56 -55.29
C ASN A 269 -17.73 33.58 -53.77
N ASN A 270 -16.53 33.83 -53.24
CA ASN A 270 -16.30 33.75 -51.80
C ASN A 270 -17.13 34.77 -51.03
N SER A 271 -18.09 34.29 -50.24
CA SER A 271 -18.90 35.18 -49.43
C SER A 271 -18.08 35.79 -48.30
N GLN A 272 -17.20 34.99 -47.69
CA GLN A 272 -16.24 35.45 -46.68
C GLN A 272 -16.95 36.09 -45.49
N ILE A 273 -17.69 35.26 -44.76
CA ILE A 273 -18.44 35.70 -43.59
C ILE A 273 -17.52 36.46 -42.62
N ARG A 274 -18.11 37.43 -41.91
CA ARG A 274 -17.33 38.32 -41.06
C ARG A 274 -17.00 37.67 -39.72
N PRO A 275 -17.95 36.96 -39.13
CA PRO A 275 -17.77 36.32 -37.82
C PRO A 275 -17.31 37.31 -36.76
N ALA A 291 -13.57 37.56 -42.93
CA ALA A 291 -13.28 37.14 -44.29
C ALA A 291 -12.41 35.88 -44.31
N ILE A 292 -12.15 35.37 -45.51
CA ILE A 292 -11.24 34.22 -45.64
C ILE A 292 -9.79 34.67 -45.55
N GLU A 293 -9.51 35.93 -45.90
CA GLU A 293 -8.19 36.49 -45.65
C GLU A 293 -7.86 36.50 -44.17
N HIS A 294 -8.89 36.53 -43.32
CA HIS A 294 -8.65 36.40 -41.88
C HIS A 294 -8.02 35.06 -41.54
N TYR A 295 -8.52 33.98 -42.14
CA TYR A 295 -7.92 32.67 -41.89
C TYR A 295 -6.60 32.49 -42.63
N ILE A 296 -6.41 33.18 -43.75
CA ILE A 296 -5.08 33.20 -44.38
C ILE A 296 -4.06 33.85 -43.45
N ALA A 297 -4.43 34.97 -42.84
CA ALA A 297 -3.56 35.59 -41.84
C ALA A 297 -3.41 34.71 -40.61
N GLU A 298 -4.44 33.92 -40.28
CA GLU A 298 -4.33 32.94 -39.20
C GLU A 298 -3.23 31.93 -39.48
N VAL A 299 -3.26 31.33 -40.67
CA VAL A 299 -2.25 30.33 -41.01
C VAL A 299 -0.87 30.97 -41.10
N ASP A 300 -0.78 32.23 -41.56
CA ASP A 300 0.51 32.90 -41.62
C ASP A 300 1.07 33.17 -40.23
N LYS A 301 0.23 33.68 -39.32
CA LYS A 301 0.68 33.96 -37.97
C LYS A 301 1.03 32.68 -37.21
N THR A 302 0.24 31.62 -37.42
CA THR A 302 0.57 30.35 -36.77
C THR A 302 1.82 29.73 -37.36
N SER A 303 2.10 29.96 -38.65
CA SER A 303 3.35 29.47 -39.22
C SER A 303 4.55 30.22 -38.66
N LYS A 304 4.43 31.54 -38.49
CA LYS A 304 5.50 32.30 -37.86
C LYS A 304 5.70 31.85 -36.41
N GLU A 305 4.60 31.65 -35.68
CA GLU A 305 4.71 31.17 -34.31
C GLU A 305 5.29 29.75 -34.25
N ILE A 306 5.04 28.94 -35.27
CA ILE A 306 5.62 27.60 -35.33
C ILE A 306 7.11 27.68 -35.59
N ALA A 307 7.54 28.61 -36.45
CA ALA A 307 8.97 28.84 -36.66
C ALA A 307 9.64 29.24 -35.35
N GLU A 308 9.04 30.18 -34.62
CA GLU A 308 9.60 30.61 -33.34
C GLU A 308 9.62 29.46 -32.33
N GLU A 309 8.54 28.67 -32.28
CA GLU A 309 8.46 27.57 -31.33
C GLU A 309 9.43 26.45 -31.66
N ARG A 310 9.69 26.21 -32.94
CA ARG A 310 10.69 25.23 -33.33
C ARG A 310 12.09 25.72 -33.01
N GLU A 311 12.35 27.03 -33.20
CA GLU A 311 13.63 27.57 -32.78
C GLU A 311 13.81 27.49 -31.27
N ASN A 312 12.71 27.56 -30.52
CA ASN A 312 12.79 27.47 -29.06
C ASN A 312 12.94 26.03 -28.59
N VAL A 313 12.29 25.08 -29.28
CA VAL A 313 12.32 23.68 -28.86
C VAL A 313 13.65 23.02 -29.21
N VAL A 314 14.27 23.39 -30.34
CA VAL A 314 15.61 22.91 -30.64
C VAL A 314 16.62 23.45 -29.62
N ASN A 315 16.30 24.54 -28.94
CA ASN A 315 17.12 25.03 -27.84
C ASN A 315 16.80 24.27 -26.56
N ASP A 316 17.83 24.02 -25.76
CA ASP A 316 17.70 23.07 -24.66
C ASP A 316 17.05 23.70 -23.43
N GLN A 317 17.68 24.72 -22.86
CA GLN A 317 17.44 25.16 -21.48
C GLN A 317 15.97 25.17 -21.06
N LYS A 318 15.14 25.91 -21.81
CA LYS A 318 13.77 26.12 -21.37
C LYS A 318 12.86 24.96 -21.77
N SER A 319 13.04 24.43 -22.98
CA SER A 319 12.05 23.49 -23.52
C SER A 319 12.12 22.13 -22.84
N VAL A 320 13.32 21.65 -22.53
CA VAL A 320 13.46 20.33 -21.91
C VAL A 320 12.84 20.33 -20.52
N MET A 321 12.47 19.14 -20.07
CA MET A 321 11.77 18.99 -18.80
C MET A 321 12.53 18.05 -17.89
N PRO A 322 12.15 17.93 -16.61
CA PRO A 322 12.81 16.94 -15.75
C PRO A 322 12.57 15.50 -16.16
N ALA A 323 11.61 15.23 -17.03
CA ALA A 323 11.25 13.86 -17.39
C ALA A 323 11.94 13.44 -18.68
N SER A 324 12.05 12.12 -18.85
CA SER A 324 12.64 11.55 -20.05
C SER A 324 12.11 10.15 -20.22
N PHE A 325 12.24 9.63 -21.44
CA PHE A 325 11.85 8.27 -21.76
C PHE A 325 13.13 7.45 -21.95
N VAL A 326 13.35 6.51 -21.05
CA VAL A 326 14.54 5.67 -21.06
C VAL A 326 14.18 4.32 -21.66
N SER A 327 14.75 4.02 -22.81
CA SER A 327 14.51 2.73 -23.46
C SER A 327 15.65 1.77 -23.14
N PHE A 328 15.35 0.48 -23.24
CA PHE A 328 16.30 -0.56 -22.88
C PHE A 328 16.35 -1.65 -23.95
N LYS A 329 17.53 -2.25 -24.10
CA LYS A 329 17.70 -3.31 -25.08
C LYS A 329 16.73 -4.46 -24.84
N THR A 330 16.45 -4.77 -23.57
CA THR A 330 15.60 -5.89 -23.22
C THR A 330 14.38 -5.40 -22.46
N ARG A 331 13.24 -6.08 -22.68
CA ARG A 331 12.06 -5.79 -21.90
C ARG A 331 12.29 -6.08 -20.43
N TRP A 332 13.16 -7.05 -20.13
CA TRP A 332 13.51 -7.33 -18.75
C TRP A 332 14.16 -6.11 -18.10
N ALA A 333 15.04 -5.42 -18.82
CA ALA A 333 15.68 -4.24 -18.26
C ALA A 333 14.65 -3.15 -17.99
N ALA A 334 13.72 -2.95 -18.93
CA ALA A 334 12.65 -1.98 -18.70
C ALA A 334 11.83 -2.37 -17.48
N ALA A 335 11.62 -3.67 -17.28
CA ALA A 335 10.80 -4.11 -16.16
C ALA A 335 11.52 -3.90 -14.83
N VAL A 336 12.82 -4.17 -14.77
CA VAL A 336 13.54 -3.87 -13.53
C VAL A 336 13.52 -2.37 -13.26
N CYS A 337 13.74 -1.56 -14.29
CA CYS A 337 13.70 -0.12 -14.08
C CYS A 337 12.33 0.32 -13.57
N ALA A 338 11.26 -0.23 -14.13
CA ALA A 338 9.92 0.18 -13.72
C ALA A 338 9.60 -0.25 -12.30
N GLN A 339 9.89 -1.51 -11.96
CA GLN A 339 9.56 -2.02 -10.63
C GLN A 339 10.34 -1.28 -9.56
N THR A 340 11.63 -1.11 -9.76
CA THR A 340 12.50 -0.66 -8.69
C THR A 340 12.32 0.82 -8.39
N THR A 341 12.78 1.21 -7.21
CA THR A 341 13.06 2.61 -6.90
C THR A 341 14.51 2.88 -7.27
N GLN A 342 14.74 3.99 -7.97
CA GLN A 342 16.04 4.23 -8.58
C GLN A 342 17.02 4.94 -7.63
N THR A 343 16.64 6.11 -7.13
CA THR A 343 17.56 6.97 -6.40
C THR A 343 17.24 6.97 -4.91
N ARG A 344 18.05 7.71 -4.15
CA ARG A 344 17.90 7.76 -2.70
C ARG A 344 16.59 8.42 -2.30
N ASN A 345 16.27 9.59 -2.87
CA ASN A 345 15.07 10.32 -2.49
C ASN A 345 13.97 10.05 -3.50
N PRO A 346 12.87 9.42 -3.09
CA PRO A 346 11.83 9.01 -4.06
C PRO A 346 11.09 10.17 -4.72
N THR A 347 11.37 11.41 -4.33
CA THR A 347 10.76 12.54 -5.02
C THR A 347 11.34 12.74 -6.42
N GLU A 348 12.42 12.04 -6.76
CA GLU A 348 13.04 12.17 -8.07
C GLU A 348 13.37 10.78 -8.61
N TRP A 349 13.66 10.72 -9.91
CA TRP A 349 13.97 9.50 -10.64
C TRP A 349 12.86 8.46 -10.54
N LEU A 350 11.63 8.89 -10.30
CA LEU A 350 10.50 7.97 -10.35
C LEU A 350 10.40 7.39 -11.75
N THR A 351 10.21 6.08 -11.83
CA THR A 351 10.22 5.35 -13.10
C THR A 351 8.87 4.67 -13.28
N GLU A 352 8.01 5.29 -14.07
CA GLU A 352 6.72 4.73 -14.41
C GLU A 352 6.84 3.82 -15.63
N TRP A 353 6.06 2.75 -15.64
CA TRP A 353 5.94 1.96 -16.86
C TRP A 353 5.46 2.85 -17.98
N ALA A 354 6.32 3.14 -18.94
CA ALA A 354 5.97 4.13 -19.94
C ALA A 354 4.95 3.56 -20.93
N ALA A 355 3.78 4.18 -20.99
CA ALA A 355 2.78 3.74 -21.94
C ALA A 355 3.22 4.06 -23.36
N GLU A 356 2.49 3.54 -24.35
CA GLU A 356 2.85 3.69 -25.75
C GLU A 356 2.92 5.17 -26.13
N PRO A 357 3.66 5.49 -27.19
CA PRO A 357 3.65 6.88 -27.67
C PRO A 357 2.27 7.34 -28.14
N ARG A 358 1.50 6.43 -28.75
CA ARG A 358 0.10 6.71 -29.07
C ARG A 358 -0.74 6.91 -27.82
N ASP A 359 -0.26 6.42 -26.67
CA ASP A 359 -1.02 6.43 -25.43
C ASP A 359 -0.83 7.72 -24.65
N ILE A 360 0.41 8.06 -24.31
CA ILE A 360 0.67 9.07 -23.29
C ILE A 360 0.14 10.42 -23.73
N TYR A 361 -0.67 11.04 -22.86
CA TYR A 361 -1.30 12.32 -23.15
C TYR A 361 -0.26 13.42 -23.06
N TRP A 362 0.44 13.67 -24.16
CA TRP A 362 1.58 14.58 -24.18
C TRP A 362 1.32 15.94 -23.54
N PRO A 363 0.17 16.60 -23.73
CA PRO A 363 -0.05 17.87 -23.01
C PRO A 363 0.10 17.75 -21.51
N ASN A 364 -0.25 16.60 -20.93
CA ASN A 364 -0.13 16.45 -19.49
C ASN A 364 1.31 16.24 -19.04
N LEU A 365 2.17 15.75 -19.92
CA LEU A 365 3.60 15.76 -19.63
C LEU A 365 4.10 17.20 -19.62
N ALA A 366 5.41 17.36 -19.39
CA ALA A 366 6.03 18.67 -19.30
C ALA A 366 5.38 19.51 -18.20
N ILE A 367 5.06 18.86 -17.07
CA ILE A 367 4.56 19.53 -15.90
C ILE A 367 5.49 19.16 -14.74
N PRO A 368 5.90 20.11 -13.90
CA PRO A 368 6.80 19.76 -12.80
C PRO A 368 6.16 18.75 -11.88
N TYR A 369 6.89 17.67 -11.59
CA TYR A 369 6.37 16.67 -10.66
C TYR A 369 6.20 17.25 -9.27
N VAL A 370 6.99 18.26 -8.92
CA VAL A 370 6.78 18.94 -7.64
C VAL A 370 5.41 19.60 -7.62
N SER A 371 4.96 20.14 -8.76
CA SER A 371 3.65 20.76 -8.89
C SER A 371 2.59 19.77 -9.37
N LEU A 372 2.78 18.48 -9.12
CA LEU A 372 1.82 17.46 -9.52
C LEU A 372 0.91 17.04 -8.38
N THR A 373 1.46 16.86 -7.17
CA THR A 373 0.61 16.55 -6.03
C THR A 373 -0.26 17.75 -5.66
N VAL A 374 0.23 18.97 -5.87
CA VAL A 374 -0.63 20.13 -5.65
C VAL A 374 -1.76 20.16 -6.69
N ARG A 375 -1.49 19.68 -7.91
CA ARG A 375 -2.56 19.60 -8.91
C ARG A 375 -3.58 18.54 -8.51
N ARG A 376 -3.11 17.40 -8.00
CA ARG A 376 -4.04 16.38 -7.52
C ARG A 376 -4.89 16.90 -6.37
N LEU A 377 -4.30 17.69 -5.47
CA LEU A 377 -5.06 18.21 -4.33
C LEU A 377 -6.06 19.28 -4.78
N VAL A 378 -5.64 20.16 -5.68
CA VAL A 378 -6.58 21.18 -6.17
C VAL A 378 -7.68 20.50 -6.99
N MET A 379 -7.41 19.37 -7.63
CA MET A 379 -8.47 18.67 -8.32
C MET A 379 -9.36 17.91 -7.37
N ASN A 380 -8.84 17.45 -6.23
CA ASN A 380 -9.71 16.91 -5.20
C ASN A 380 -10.64 17.99 -4.64
N VAL A 381 -10.12 19.20 -4.44
CA VAL A 381 -10.96 20.30 -4.00
C VAL A 381 -11.98 20.65 -5.07
N ALA A 382 -11.58 20.60 -6.35
CA ALA A 382 -12.51 20.85 -7.44
C ALA A 382 -13.59 19.78 -7.49
N PHE A 383 -13.23 18.54 -7.19
CA PHE A 383 -14.21 17.45 -7.15
C PHE A 383 -15.16 17.63 -5.98
N PHE A 384 -14.66 18.11 -4.85
CA PHE A 384 -15.51 18.38 -3.69
C PHE A 384 -16.51 19.48 -4.01
N PHE A 385 -16.01 20.62 -4.54
CA PHE A 385 -16.91 21.70 -4.94
C PHE A 385 -17.84 21.27 -6.06
N LEU A 386 -17.43 20.28 -6.86
CA LEU A 386 -18.29 19.75 -7.90
C LEU A 386 -19.46 18.97 -7.30
N THR A 387 -19.15 18.00 -6.44
CA THR A 387 -20.21 17.22 -5.81
C THR A 387 -21.15 18.11 -5.00
N PHE A 388 -20.62 19.13 -4.34
CA PHE A 388 -21.47 20.06 -3.59
C PHE A 388 -22.06 21.16 -4.46
N PHE A 389 -21.70 21.23 -5.74
CA PHE A 389 -22.43 22.03 -6.71
C PHE A 389 -23.27 21.17 -7.65
N PHE A 390 -22.86 19.91 -7.88
CA PHE A 390 -23.67 18.97 -8.63
C PHE A 390 -24.70 18.26 -7.76
N ILE A 391 -24.82 18.65 -6.50
CA ILE A 391 -25.85 18.09 -5.65
C ILE A 391 -27.20 18.75 -5.95
N ILE A 392 -27.21 19.98 -6.45
CA ILE A 392 -28.46 20.67 -6.70
C ILE A 392 -29.14 20.14 -7.98
N PRO A 393 -28.43 19.76 -9.05
CA PRO A 393 -29.15 19.08 -10.14
C PRO A 393 -29.60 17.68 -9.74
N ILE A 394 -28.86 16.99 -8.87
CA ILE A 394 -29.31 15.68 -8.40
C ILE A 394 -30.58 15.83 -7.57
N ALA A 395 -30.66 16.91 -6.78
CA ALA A 395 -31.88 17.17 -6.02
C ALA A 395 -33.02 17.59 -6.93
N PHE A 396 -32.71 18.34 -7.99
CA PHE A 396 -33.73 18.68 -8.99
C PHE A 396 -34.28 17.42 -9.65
N VAL A 397 -33.40 16.48 -9.99
CA VAL A 397 -33.84 15.22 -10.57
C VAL A 397 -34.70 14.43 -9.59
N GLN A 398 -34.29 14.37 -8.32
CA GLN A 398 -35.06 13.64 -7.33
C GLN A 398 -36.44 14.27 -7.13
N SER A 399 -36.51 15.60 -7.10
CA SER A 399 -37.80 16.27 -6.99
C SER A 399 -38.65 16.05 -8.24
N LEU A 400 -38.01 15.88 -9.40
CA LEU A 400 -38.74 15.47 -10.58
C LEU A 400 -39.22 14.02 -10.48
N ALA A 401 -38.55 13.20 -9.67
CA ALA A 401 -39.01 11.82 -9.48
C ALA A 401 -40.23 11.75 -8.60
N THR A 402 -40.38 12.68 -7.65
CA THR A 402 -41.53 12.71 -6.76
C THR A 402 -42.18 14.10 -6.76
N ILE A 422 -50.14 8.14 -17.66
CA ILE A 422 -50.45 9.55 -17.49
C ILE A 422 -49.18 10.38 -17.55
N LYS A 423 -49.24 11.61 -17.04
CA LYS A 423 -48.09 12.51 -17.04
C LYS A 423 -47.22 12.38 -15.80
N SER A 424 -47.75 11.81 -14.71
CA SER A 424 -46.94 11.63 -13.51
C SER A 424 -45.80 10.65 -13.75
N LEU A 425 -46.09 9.54 -14.42
CA LEU A 425 -45.02 8.61 -14.79
C LEU A 425 -44.07 9.23 -15.82
N ILE A 426 -44.58 10.12 -16.67
CA ILE A 426 -43.70 10.82 -17.61
C ILE A 426 -42.75 11.73 -16.85
N GLN A 427 -43.21 12.32 -15.74
CA GLN A 427 -42.30 13.11 -14.91
C GLN A 427 -41.30 12.22 -14.18
N GLY A 428 -41.76 11.06 -13.71
CA GLY A 428 -40.84 10.08 -13.12
C GLY A 428 -39.75 9.63 -14.09
N LEU A 429 -40.07 9.56 -15.38
CA LEU A 429 -39.08 9.23 -16.40
C LEU A 429 -38.21 10.43 -16.77
N LEU A 430 -38.83 11.62 -16.84
CA LEU A 430 -38.06 12.83 -17.08
C LEU A 430 -37.00 13.04 -16.02
N ALA A 431 -37.25 12.58 -14.80
CA ALA A 431 -36.22 12.61 -13.77
C ALA A 431 -34.94 11.93 -14.26
N GLY A 432 -35.06 10.68 -14.69
CA GLY A 432 -33.89 9.96 -15.16
C GLY A 432 -33.30 10.54 -16.43
N ILE A 433 -34.16 10.97 -17.36
CA ILE A 433 -33.62 11.49 -18.62
C ILE A 433 -32.88 12.80 -18.38
N ALA A 434 -33.34 13.61 -17.42
CA ALA A 434 -32.64 14.84 -17.09
C ALA A 434 -31.39 14.58 -16.25
N LEU A 435 -31.37 13.48 -15.48
CA LEU A 435 -30.13 13.10 -14.83
C LEU A 435 -29.07 12.67 -15.83
N LYS A 436 -29.48 11.90 -16.84
CA LYS A 436 -28.52 11.52 -17.89
C LYS A 436 -28.11 12.75 -18.71
N LEU A 437 -29.04 13.68 -18.94
CA LEU A 437 -28.70 14.92 -19.63
C LEU A 437 -27.72 15.76 -18.81
N PHE A 438 -27.85 15.73 -17.47
CA PHE A 438 -26.90 16.44 -16.62
C PHE A 438 -25.56 15.72 -16.55
N LEU A 439 -25.56 14.40 -16.72
CA LEU A 439 -24.35 13.59 -16.67
C LEU A 439 -23.76 13.31 -18.05
N ILE A 440 -24.29 13.95 -19.11
CA ILE A 440 -23.68 13.75 -20.42
C ILE A 440 -22.40 14.59 -20.53
N PHE A 441 -22.30 15.67 -19.77
CA PHE A 441 -21.08 16.47 -19.71
C PHE A 441 -20.21 16.12 -18.52
N LEU A 442 -20.68 15.24 -17.63
CA LEU A 442 -19.86 14.86 -16.48
C LEU A 442 -18.61 14.09 -16.86
N PRO A 443 -18.66 13.07 -17.73
CA PRO A 443 -17.40 12.37 -18.07
C PRO A 443 -16.42 13.25 -18.79
N ALA A 444 -16.91 14.23 -19.58
CA ALA A 444 -15.99 15.13 -20.26
C ALA A 444 -15.24 16.02 -19.27
N ILE A 445 -15.95 16.63 -18.32
CA ILE A 445 -15.28 17.49 -17.36
C ILE A 445 -14.45 16.67 -16.38
N LEU A 446 -14.79 15.40 -16.16
CA LEU A 446 -13.91 14.55 -15.35
C LEU A 446 -12.65 14.19 -16.13
N MET A 447 -12.78 13.99 -17.44
CA MET A 447 -11.61 13.81 -18.29
C MET A 447 -10.71 15.03 -18.22
N THR A 448 -11.31 16.22 -18.27
CA THR A 448 -10.54 17.46 -18.15
C THR A 448 -9.89 17.57 -16.78
N MET A 449 -10.64 17.23 -15.73
CA MET A 449 -10.09 17.23 -14.37
C MET A 449 -8.89 16.31 -14.27
N SER A 450 -8.97 15.12 -14.87
CA SER A 450 -7.85 14.18 -14.80
C SER A 450 -6.69 14.65 -15.65
N LYS A 451 -6.96 15.24 -16.82
CA LYS A 451 -5.90 15.87 -17.60
C LYS A 451 -5.16 16.92 -16.79
N PHE A 452 -5.91 17.68 -15.98
CA PHE A 452 -5.27 18.65 -15.10
C PHE A 452 -4.59 17.98 -13.91
N GLU A 453 -4.98 16.76 -13.57
CA GLU A 453 -4.46 16.07 -12.39
C GLU A 453 -3.06 15.51 -12.61
N GLY A 454 -2.51 15.60 -13.81
CA GLY A 454 -1.12 15.28 -14.03
C GLY A 454 -0.80 13.90 -14.57
N PHE A 455 -1.81 13.08 -14.86
CA PHE A 455 -1.57 11.73 -15.35
C PHE A 455 -1.19 11.77 -16.82
N THR A 456 -0.06 11.15 -17.17
CA THR A 456 0.49 11.28 -18.51
C THR A 456 -0.18 10.33 -19.50
N SER A 457 -0.31 9.06 -19.14
CA SER A 457 -0.85 8.06 -20.04
C SER A 457 -2.37 8.20 -20.13
N VAL A 458 -2.89 8.40 -21.35
CA VAL A 458 -4.34 8.50 -21.50
C VAL A 458 -5.01 7.22 -21.05
N SER A 459 -4.28 6.10 -21.00
CA SER A 459 -4.79 4.91 -20.34
C SER A 459 -5.05 5.19 -18.87
N PHE A 460 -4.01 5.56 -18.13
CA PHE A 460 -4.22 5.89 -16.72
C PHE A 460 -5.07 7.15 -16.57
N LEU A 461 -5.04 8.04 -17.56
CA LEU A 461 -5.89 9.23 -17.47
C LEU A 461 -7.36 8.83 -17.48
N GLU A 462 -7.75 7.92 -18.38
CA GLU A 462 -9.13 7.45 -18.38
C GLU A 462 -9.42 6.57 -17.17
N ARG A 463 -8.42 5.86 -16.65
CA ARG A 463 -8.63 5.08 -15.43
C ARG A 463 -8.95 6.00 -14.26
N ARG A 464 -8.18 7.07 -14.08
CA ARG A 464 -8.45 8.02 -13.01
C ARG A 464 -9.75 8.76 -13.26
N SER A 465 -10.05 9.08 -14.52
CA SER A 465 -11.32 9.72 -14.83
C SER A 465 -12.48 8.81 -14.46
N ALA A 466 -12.36 7.52 -14.75
CA ALA A 466 -13.42 6.59 -14.36
C ALA A 466 -13.49 6.44 -12.85
N SER A 467 -12.34 6.47 -12.18
CA SER A 467 -12.36 6.38 -10.72
C SER A 467 -13.05 7.58 -10.09
N ARG A 468 -12.80 8.78 -10.63
CA ARG A 468 -13.46 9.96 -10.10
C ARG A 468 -14.93 10.00 -10.47
N TYR A 469 -15.27 9.60 -11.69
CA TYR A 469 -16.67 9.46 -12.07
C TYR A 469 -17.38 8.48 -11.14
N TYR A 470 -16.69 7.43 -10.72
CA TYR A 470 -17.32 6.45 -9.86
C TYR A 470 -17.47 6.96 -8.45
N ILE A 471 -16.43 7.60 -7.88
CA ILE A 471 -16.60 8.19 -6.56
C ILE A 471 -17.50 9.42 -6.62
N PHE A 472 -17.88 9.83 -7.82
CA PHE A 472 -18.98 10.78 -7.97
C PHE A 472 -20.33 10.06 -7.88
N ASN A 473 -20.55 9.09 -8.76
CA ASN A 473 -21.79 8.32 -8.75
C ASN A 473 -22.09 7.75 -7.38
N LEU A 474 -21.05 7.28 -6.68
CA LEU A 474 -21.23 6.71 -5.35
C LEU A 474 -21.70 7.77 -4.37
N VAL A 475 -21.06 8.94 -4.37
CA VAL A 475 -21.39 9.97 -3.37
C VAL A 475 -22.44 10.96 -3.86
N ASN A 476 -22.68 11.05 -5.16
CA ASN A 476 -23.61 12.02 -5.71
C ASN A 476 -24.82 11.38 -6.37
N VAL A 477 -24.61 10.50 -7.34
CA VAL A 477 -25.73 9.91 -8.08
C VAL A 477 -26.34 8.72 -7.34
N PHE A 478 -25.65 8.17 -6.35
CA PHE A 478 -26.26 7.13 -5.54
C PHE A 478 -26.49 7.58 -4.10
N LEU A 479 -25.45 7.99 -3.38
CA LEU A 479 -25.67 8.46 -2.01
C LEU A 479 -26.40 9.79 -2.02
N GLY A 480 -25.93 10.75 -2.83
CA GLY A 480 -26.60 12.03 -2.92
C GLY A 480 -28.02 11.90 -3.47
N SER A 481 -28.20 11.08 -4.50
CA SER A 481 -29.54 10.92 -5.06
C SER A 481 -30.47 10.21 -4.08
N VAL A 482 -29.97 9.19 -3.37
CA VAL A 482 -30.85 8.48 -2.45
C VAL A 482 -31.20 9.36 -1.26
N ILE A 483 -30.26 10.21 -0.80
CA ILE A 483 -30.61 11.08 0.31
C ILE A 483 -31.51 12.21 -0.15
N ALA A 484 -31.37 12.67 -1.39
CA ALA A 484 -32.31 13.66 -1.91
C ALA A 484 -33.71 13.06 -2.05
N GLY A 485 -33.78 11.79 -2.46
CA GLY A 485 -35.08 11.12 -2.49
C GLY A 485 -35.68 10.97 -1.10
N ALA A 486 -34.85 10.60 -0.12
CA ALA A 486 -35.33 10.50 1.25
C ALA A 486 -35.79 11.86 1.78
N ALA A 487 -35.12 12.94 1.37
CA ALA A 487 -35.51 14.26 1.83
C ALA A 487 -36.81 14.71 1.19
N PHE A 488 -36.99 14.44 -0.11
CA PHE A 488 -38.17 14.87 -0.83
C PHE A 488 -39.35 13.91 -0.66
N GLU A 489 -39.15 12.77 -0.01
CA GLU A 489 -40.29 11.98 0.44
C GLU A 489 -40.96 12.64 1.64
N GLN A 490 -40.21 13.39 2.45
CA GLN A 490 -40.80 14.09 3.59
C GLN A 490 -41.77 15.16 3.13
N LEU A 491 -41.51 15.79 1.99
CA LEU A 491 -42.34 16.87 1.48
C LEU A 491 -43.53 16.33 0.69
N LYS A 504 -38.43 4.15 10.43
CA LYS A 504 -37.62 4.21 9.23
C LYS A 504 -37.91 5.48 8.43
N THR A 505 -37.11 6.52 8.68
CA THR A 505 -37.27 7.78 7.95
C THR A 505 -36.56 7.73 6.60
N ILE A 506 -35.27 7.35 6.59
CA ILE A 506 -34.50 7.26 5.37
C ILE A 506 -34.48 5.81 4.88
N GLY A 507 -34.56 4.87 5.81
CA GLY A 507 -34.53 3.46 5.45
C GLY A 507 -35.74 3.04 4.64
N MET A 508 -36.91 3.63 4.92
CA MET A 508 -38.12 3.30 4.18
C MET A 508 -38.22 4.04 2.84
N ALA A 509 -37.29 4.94 2.55
CA ALA A 509 -37.33 5.72 1.32
C ALA A 509 -36.30 5.31 0.28
N ILE A 510 -35.27 4.56 0.68
CA ILE A 510 -34.24 4.14 -0.27
C ILE A 510 -34.76 3.05 -1.22
N PRO A 511 -35.60 2.10 -0.79
CA PRO A 511 -36.26 1.26 -1.81
C PRO A 511 -37.22 2.05 -2.67
N MET A 512 -37.72 3.20 -2.20
CA MET A 512 -38.50 4.07 -3.06
C MET A 512 -37.61 4.79 -4.05
N LYS A 513 -36.39 5.14 -3.66
CA LYS A 513 -35.41 5.68 -4.59
C LYS A 513 -34.94 4.64 -5.59
N ALA A 514 -35.09 3.35 -5.25
CA ALA A 514 -34.80 2.30 -6.21
C ALA A 514 -35.75 2.35 -7.40
N THR A 515 -36.97 2.85 -7.21
CA THR A 515 -37.87 3.07 -8.34
C THR A 515 -37.28 4.08 -9.31
N PHE A 516 -36.77 5.20 -8.77
CA PHE A 516 -36.08 6.17 -9.62
C PHE A 516 -34.87 5.56 -10.28
N PHE A 517 -34.12 4.73 -9.56
CA PHE A 517 -32.95 4.09 -10.16
C PHE A 517 -33.35 3.13 -11.27
N ILE A 518 -34.53 2.51 -11.17
CA ILE A 518 -35.03 1.69 -12.27
C ILE A 518 -35.34 2.57 -13.48
N THR A 519 -36.07 3.65 -13.27
CA THR A 519 -36.35 4.55 -14.38
C THR A 519 -35.05 5.06 -15.00
N TYR A 520 -34.00 5.22 -14.19
CA TYR A 520 -32.73 5.76 -14.66
C TYR A 520 -31.91 4.73 -15.43
N ILE A 521 -31.80 3.50 -14.91
CA ILE A 521 -31.14 2.44 -15.65
C ILE A 521 -31.90 2.16 -16.93
N MET A 522 -33.19 2.45 -16.97
CA MET A 522 -33.91 2.33 -18.22
C MET A 522 -33.61 3.48 -19.17
N VAL A 523 -33.46 4.71 -18.66
CA VAL A 523 -33.20 5.80 -19.60
C VAL A 523 -31.73 5.86 -19.98
N ASP A 524 -30.83 5.47 -19.08
CA ASP A 524 -29.40 5.57 -19.34
C ASP A 524 -28.77 4.24 -19.73
N GLY A 525 -29.11 3.17 -19.04
CA GLY A 525 -28.55 1.88 -19.37
C GLY A 525 -29.22 1.23 -20.56
N TRP A 526 -30.56 1.32 -20.61
CA TRP A 526 -31.30 0.74 -21.71
C TRP A 526 -31.31 1.66 -22.93
N ALA A 527 -31.90 2.84 -22.77
CA ALA A 527 -32.03 3.77 -23.90
C ALA A 527 -30.75 4.56 -24.15
N GLY A 528 -29.99 4.86 -23.09
CA GLY A 528 -28.75 5.59 -23.28
C GLY A 528 -27.72 4.80 -24.08
N VAL A 529 -27.56 3.51 -23.76
CA VAL A 529 -26.64 2.67 -24.51
C VAL A 529 -27.19 2.39 -25.91
N ALA A 530 -28.50 2.24 -26.02
CA ALA A 530 -29.12 2.06 -27.33
C ALA A 530 -28.91 3.28 -28.22
N GLY A 531 -28.82 4.47 -27.62
CA GLY A 531 -28.43 5.64 -28.39
C GLY A 531 -26.95 5.70 -28.65
N GLU A 532 -26.15 5.17 -27.71
CA GLU A 532 -24.70 5.07 -27.92
C GLU A 532 -24.37 4.23 -29.14
N ILE A 533 -25.22 3.26 -29.48
CA ILE A 533 -24.98 2.49 -30.70
C ILE A 533 -24.98 3.40 -31.92
N LEU A 534 -25.96 4.30 -31.99
CA LEU A 534 -26.07 5.19 -33.15
C LEU A 534 -24.80 6.02 -33.34
N MET A 535 -24.19 6.44 -32.24
CA MET A 535 -23.08 7.37 -32.28
C MET A 535 -23.46 8.61 -33.07
N LEU A 536 -24.55 9.24 -32.62
CA LEU A 536 -25.02 10.46 -33.27
C LEU A 536 -23.91 11.50 -33.35
N LYS A 537 -23.18 11.69 -32.26
CA LYS A 537 -22.09 12.66 -32.29
C LYS A 537 -20.99 12.26 -33.27
N PRO A 538 -20.41 11.05 -33.20
CA PRO A 538 -19.39 10.70 -34.20
C PRO A 538 -19.91 10.71 -35.63
N LEU A 539 -21.14 10.25 -35.86
CA LEU A 539 -21.67 10.20 -37.21
C LEU A 539 -21.88 11.59 -37.78
N ILE A 540 -22.49 12.48 -36.99
CA ILE A 540 -22.70 13.85 -37.45
C ILE A 540 -21.37 14.55 -37.66
N ILE A 541 -20.38 14.28 -36.78
CA ILE A 541 -19.06 14.87 -36.96
C ILE A 541 -18.43 14.39 -38.26
N TYR A 542 -18.54 13.09 -38.55
CA TYR A 542 -17.95 12.56 -39.78
C TYR A 542 -18.64 13.15 -41.01
N HIS A 543 -19.96 13.27 -40.97
CA HIS A 543 -20.68 13.84 -42.11
C HIS A 543 -20.32 15.30 -42.33
N LEU A 544 -20.24 16.09 -41.25
CA LEU A 544 -19.83 17.48 -41.38
C LEU A 544 -18.41 17.59 -41.92
N LYS A 545 -17.51 16.70 -41.46
CA LYS A 545 -16.12 16.77 -41.89
C LYS A 545 -15.98 16.42 -43.36
N ASN A 546 -16.62 15.33 -43.81
CA ASN A 546 -16.46 14.93 -45.20
C ASN A 546 -17.19 15.90 -46.14
N ALA A 547 -18.37 16.36 -45.74
CA ALA A 547 -19.14 17.27 -46.58
C ALA A 547 -18.53 18.67 -46.58
N PHE A 548 -18.01 19.11 -45.45
CA PHE A 548 -17.47 20.46 -45.33
C PHE A 548 -16.09 20.44 -44.67
N GLU A 557 -9.65 12.47 -49.09
CA GLU A 557 -8.90 11.63 -48.16
C GLU A 557 -9.77 11.09 -47.01
N GLU A 558 -9.11 10.60 -45.96
CA GLU A 558 -9.74 9.78 -44.93
C GLU A 558 -9.15 10.11 -43.57
N ALA A 559 -9.97 10.64 -42.67
CA ALA A 559 -9.54 11.14 -41.37
C ALA A 559 -10.48 10.66 -40.26
N MET A 560 -10.74 9.36 -40.21
CA MET A 560 -11.76 8.77 -39.36
C MET A 560 -11.74 9.19 -37.89
N ASN A 561 -10.70 8.75 -37.16
CA ASN A 561 -10.53 8.93 -35.72
C ASN A 561 -11.88 8.86 -35.00
N PRO A 562 -12.51 7.69 -34.95
CA PRO A 562 -13.93 7.63 -34.55
C PRO A 562 -14.18 8.08 -33.12
N GLY A 563 -13.36 7.62 -32.19
CA GLY A 563 -13.62 7.80 -30.77
C GLY A 563 -13.29 6.52 -30.05
N SER A 564 -12.65 6.63 -28.89
CA SER A 564 -12.19 5.46 -28.16
C SER A 564 -13.38 4.66 -27.63
N ILE A 565 -13.08 3.57 -26.93
CA ILE A 565 -14.12 2.78 -26.28
C ILE A 565 -14.87 3.57 -25.22
N GLY A 566 -14.36 4.72 -24.82
CA GLY A 566 -15.03 5.55 -23.84
C GLY A 566 -15.00 4.98 -22.45
N PHE A 567 -13.85 4.46 -22.01
CA PHE A 567 -13.76 3.84 -20.70
C PHE A 567 -14.17 4.81 -19.60
N ASN A 568 -13.57 6.00 -19.59
CA ASN A 568 -13.88 7.03 -18.60
C ASN A 568 -15.35 7.42 -18.57
N THR A 569 -16.13 7.06 -19.59
CA THR A 569 -17.56 7.34 -19.65
C THR A 569 -18.40 6.11 -19.39
N GLY A 570 -18.16 5.03 -20.14
CA GLY A 570 -18.99 3.85 -20.00
C GLY A 570 -18.71 3.09 -18.72
N GLU A 571 -17.43 2.89 -18.41
CA GLU A 571 -17.08 2.06 -17.25
C GLU A 571 -17.58 2.59 -15.91
N PRO A 572 -17.46 3.88 -15.60
CA PRO A 572 -17.99 4.35 -14.31
C PRO A 572 -19.49 4.17 -14.21
N GLN A 573 -20.21 4.23 -15.33
CA GLN A 573 -21.64 3.90 -15.29
C GLN A 573 -21.83 2.41 -14.99
N ILE A 574 -20.94 1.55 -15.47
CA ILE A 574 -21.05 0.13 -15.15
C ILE A 574 -20.78 -0.11 -13.67
N GLN A 575 -19.84 0.64 -13.10
CA GLN A 575 -19.65 0.52 -11.66
C GLN A 575 -20.83 1.10 -10.90
N LEU A 576 -21.45 2.15 -11.44
CA LEU A 576 -22.66 2.68 -10.83
C LEU A 576 -23.76 1.63 -10.81
N TYR A 577 -23.89 0.86 -11.90
CA TYR A 577 -24.92 -0.16 -11.96
C TYR A 577 -24.56 -1.39 -11.15
N PHE A 578 -23.26 -1.69 -11.01
CA PHE A 578 -22.83 -2.66 -10.00
C PHE A 578 -23.25 -2.20 -8.62
N LEU A 579 -22.99 -0.93 -8.31
CA LEU A 579 -23.38 -0.36 -7.02
C LEU A 579 -24.86 -0.51 -6.79
N LEU A 580 -25.67 -0.13 -7.78
CA LEU A 580 -27.12 -0.21 -7.65
C LEU A 580 -27.58 -1.65 -7.49
N GLY A 581 -27.07 -2.55 -8.34
CA GLY A 581 -27.47 -3.95 -8.26
C GLY A 581 -27.07 -4.61 -6.96
N LEU A 582 -25.95 -4.20 -6.38
CA LEU A 582 -25.52 -4.80 -5.12
C LEU A 582 -26.26 -4.22 -3.93
N VAL A 583 -26.53 -2.91 -3.94
CA VAL A 583 -27.27 -2.33 -2.82
C VAL A 583 -28.74 -2.74 -2.87
N TYR A 584 -29.26 -3.03 -4.05
CA TYR A 584 -30.67 -3.35 -4.20
C TYR A 584 -30.94 -4.82 -4.47
N ALA A 585 -29.90 -5.64 -4.55
CA ALA A 585 -30.13 -7.08 -4.58
C ALA A 585 -30.54 -7.48 -3.17
N PRO A 586 -29.88 -6.92 -2.14
CA PRO A 586 -30.29 -7.22 -0.76
C PRO A 586 -31.55 -6.50 -0.33
N VAL A 587 -31.93 -5.41 -0.99
CA VAL A 587 -33.01 -4.54 -0.52
C VAL A 587 -34.26 -4.70 -1.38
N THR A 588 -34.16 -4.40 -2.67
CA THR A 588 -35.32 -4.32 -3.55
C THR A 588 -34.99 -4.93 -4.89
N PRO A 589 -35.19 -6.23 -5.04
CA PRO A 589 -34.79 -6.91 -6.28
C PRO A 589 -35.71 -6.62 -7.46
N MET A 590 -36.58 -5.61 -7.33
CA MET A 590 -37.32 -5.15 -8.50
C MET A 590 -36.41 -4.49 -9.52
N LEU A 591 -35.28 -3.93 -9.07
CA LEU A 591 -34.30 -3.33 -9.97
C LEU A 591 -33.44 -4.39 -10.64
N LEU A 592 -33.09 -5.44 -9.90
CA LEU A 592 -32.16 -6.47 -10.35
C LEU A 592 -32.40 -6.97 -11.78
N PRO A 593 -33.61 -7.33 -12.19
CA PRO A 593 -33.78 -7.76 -13.59
C PRO A 593 -33.47 -6.67 -14.58
N PHE A 594 -33.73 -5.41 -14.24
CA PHE A 594 -33.50 -4.33 -15.18
C PHE A 594 -32.00 -4.09 -15.40
N ILE A 595 -31.21 -4.08 -14.32
CA ILE A 595 -29.78 -3.92 -14.50
C ILE A 595 -29.17 -5.19 -15.11
N LEU A 596 -29.75 -6.36 -14.85
CA LEU A 596 -29.26 -7.57 -15.48
C LEU A 596 -29.45 -7.53 -16.99
N VAL A 597 -30.66 -7.19 -17.43
CA VAL A 597 -30.91 -7.12 -18.87
C VAL A 597 -30.18 -5.94 -19.48
N PHE A 598 -29.89 -4.89 -18.69
CA PHE A 598 -28.99 -3.85 -19.17
C PHE A 598 -27.59 -4.40 -19.42
N PHE A 599 -27.07 -5.20 -18.49
CA PHE A 599 -25.76 -5.79 -18.71
C PHE A 599 -25.77 -6.64 -19.97
N ALA A 600 -26.83 -7.42 -20.18
CA ALA A 600 -26.97 -8.19 -21.42
C ALA A 600 -26.89 -7.28 -22.65
N LEU A 601 -27.75 -6.26 -22.69
CA LEU A 601 -27.76 -5.31 -23.81
C LEU A 601 -26.40 -4.67 -23.99
N ALA A 602 -25.98 -3.87 -23.01
CA ALA A 602 -24.69 -3.21 -22.99
C ALA A 602 -23.59 -4.12 -23.51
N TYR A 603 -23.58 -5.38 -23.05
CA TYR A 603 -22.57 -6.32 -23.55
C TYR A 603 -22.71 -6.51 -25.05
N VAL A 604 -23.90 -6.85 -25.53
CA VAL A 604 -24.01 -7.16 -26.95
C VAL A 604 -23.70 -5.93 -27.80
N VAL A 605 -24.16 -4.75 -27.38
CA VAL A 605 -23.97 -3.56 -28.20
C VAL A 605 -22.51 -3.11 -28.19
N TYR A 606 -21.92 -2.97 -26.99
CA TYR A 606 -20.53 -2.57 -26.92
C TYR A 606 -19.62 -3.62 -27.56
N ARG A 607 -20.01 -4.89 -27.52
CA ARG A 607 -19.24 -5.91 -28.22
C ARG A 607 -19.30 -5.69 -29.71
N HIS A 608 -20.49 -5.43 -30.24
CA HIS A 608 -20.57 -5.06 -31.64
C HIS A 608 -19.70 -3.85 -31.93
N GLN A 609 -19.76 -2.82 -31.08
CA GLN A 609 -19.04 -1.59 -31.37
C GLN A 609 -17.54 -1.81 -31.34
N ILE A 610 -17.06 -2.67 -30.44
CA ILE A 610 -15.65 -3.02 -30.43
C ILE A 610 -15.30 -3.85 -31.65
N ILE A 611 -16.25 -4.66 -32.13
CA ILE A 611 -16.00 -5.41 -33.37
C ILE A 611 -15.89 -4.48 -34.55
N ASN A 612 -16.63 -3.38 -34.53
CA ASN A 612 -16.87 -2.63 -35.75
C ASN A 612 -16.41 -1.18 -35.70
N VAL A 613 -16.61 -0.47 -34.60
CA VAL A 613 -16.24 0.95 -34.64
C VAL A 613 -15.15 1.30 -33.63
N TYR A 614 -15.36 0.94 -32.36
CA TYR A 614 -14.51 1.44 -31.30
C TYR A 614 -13.06 0.98 -31.47
N ASN A 615 -12.15 1.95 -31.59
CA ASN A 615 -10.72 1.70 -31.59
C ASN A 615 -10.17 1.92 -30.19
N GLN A 616 -8.98 1.38 -29.95
CA GLN A 616 -8.29 1.53 -28.67
C GLN A 616 -7.31 2.68 -28.78
N GLU A 617 -7.76 3.87 -28.36
CA GLU A 617 -6.87 5.03 -28.34
C GLU A 617 -5.62 4.76 -27.52
N TYR A 618 -5.78 4.05 -26.41
CA TYR A 618 -4.67 3.59 -25.60
C TYR A 618 -4.62 2.07 -25.68
N GLU A 619 -3.47 1.52 -26.03
CA GLU A 619 -3.31 0.07 -26.12
C GLU A 619 -2.89 -0.48 -24.76
N SER A 620 -3.74 -0.25 -23.77
CA SER A 620 -3.50 -0.81 -22.46
C SER A 620 -3.59 -2.33 -22.52
N ALA A 621 -3.25 -2.97 -21.40
CA ALA A 621 -3.33 -4.42 -21.30
C ALA A 621 -4.28 -4.77 -20.17
N ALA A 622 -5.48 -4.18 -20.19
CA ALA A 622 -6.45 -4.33 -19.11
C ALA A 622 -5.92 -3.78 -17.81
N ALA A 623 -5.00 -2.81 -17.88
CA ALA A 623 -4.41 -2.23 -16.69
C ALA A 623 -5.46 -1.69 -15.74
N PHE A 624 -6.64 -1.35 -16.25
CA PHE A 624 -7.69 -0.75 -15.43
C PHE A 624 -8.42 -1.75 -14.56
N TRP A 625 -8.27 -3.05 -14.81
CA TRP A 625 -9.09 -4.01 -14.07
C TRP A 625 -8.86 -3.97 -12.57
N PRO A 626 -7.64 -3.79 -12.03
CA PRO A 626 -7.52 -3.50 -10.60
C PRO A 626 -8.53 -2.45 -10.15
N ASP A 627 -8.47 -1.27 -10.77
CA ASP A 627 -9.44 -0.21 -10.49
C ASP A 627 -10.86 -0.78 -10.50
N VAL A 628 -11.27 -1.34 -11.65
CA VAL A 628 -12.59 -1.94 -11.78
C VAL A 628 -12.89 -2.81 -10.57
N HIS A 629 -12.02 -3.78 -10.30
CA HIS A 629 -12.23 -4.62 -9.13
C HIS A 629 -12.31 -3.77 -7.86
N GLY A 630 -11.27 -2.99 -7.61
CA GLY A 630 -11.25 -2.08 -6.45
C GLY A 630 -12.42 -1.14 -6.38
N ARG A 631 -13.20 -1.01 -7.45
CA ARG A 631 -14.44 -0.26 -7.41
C ARG A 631 -15.64 -1.15 -7.14
N VAL A 632 -15.79 -2.26 -7.86
CA VAL A 632 -16.93 -3.13 -7.61
C VAL A 632 -16.84 -3.69 -6.21
N ILE A 633 -15.63 -4.05 -5.77
CA ILE A 633 -15.46 -4.47 -4.38
C ILE A 633 -15.88 -3.35 -3.45
N THR A 634 -15.54 -2.10 -3.78
CA THR A 634 -16.03 -1.00 -2.95
C THR A 634 -17.55 -0.89 -3.05
N ALA A 635 -18.12 -1.14 -4.23
CA ALA A 635 -19.57 -1.28 -4.33
C ALA A 635 -20.08 -2.25 -3.28
N LEU A 636 -19.46 -3.43 -3.20
CA LEU A 636 -19.83 -4.38 -2.17
C LEU A 636 -19.79 -3.74 -0.79
N ILE A 637 -18.66 -3.13 -0.44
CA ILE A 637 -18.57 -2.45 0.86
C ILE A 637 -19.72 -1.46 1.01
N ILE A 638 -19.95 -0.66 -0.03
CA ILE A 638 -21.00 0.36 0.05
C ILE A 638 -22.36 -0.30 0.18
N SER A 639 -22.56 -1.45 -0.46
CA SER A 639 -23.77 -2.21 -0.22
C SER A 639 -23.91 -2.56 1.26
N GLN A 640 -22.86 -3.16 1.84
CA GLN A 640 -22.97 -3.68 3.19
C GLN A 640 -23.13 -2.54 4.20
N LEU A 641 -22.20 -1.57 4.18
CA LEU A 641 -22.35 -0.40 5.01
C LEU A 641 -23.66 0.34 4.77
N LEU A 642 -24.33 0.08 3.64
CA LEU A 642 -25.66 0.64 3.46
C LEU A 642 -26.73 -0.31 3.97
N LEU A 643 -26.58 -1.61 3.72
CA LEU A 643 -27.58 -2.57 4.19
C LEU A 643 -27.72 -2.51 5.71
N MET A 644 -26.61 -2.40 6.43
CA MET A 644 -26.66 -2.14 7.85
C MET A 644 -27.51 -0.92 8.15
N GLY A 645 -27.21 0.20 7.48
CA GLY A 645 -27.98 1.43 7.62
C GLY A 645 -29.45 1.27 7.31
N LEU A 646 -29.84 0.17 6.67
CA LEU A 646 -31.25 -0.12 6.44
C LEU A 646 -31.83 -1.09 7.45
N LEU A 647 -31.01 -2.01 7.96
CA LEU A 647 -31.46 -2.92 9.01
C LEU A 647 -31.23 -2.34 10.40
N GLY A 648 -30.50 -1.23 10.51
CA GLY A 648 -30.31 -0.58 11.79
C GLY A 648 -31.44 0.38 12.12
N THR A 649 -31.92 1.11 11.12
CA THR A 649 -33.08 1.97 11.28
C THR A 649 -34.39 1.19 11.31
N LYS A 650 -34.36 -0.09 10.93
CA LYS A 650 -35.53 -0.95 10.98
C LYS A 650 -35.61 -1.75 12.28
N HIS A 651 -34.65 -1.56 13.19
CA HIS A 651 -34.62 -2.24 14.48
C HIS A 651 -34.59 -3.76 14.32
N ALA A 652 -33.60 -4.22 13.57
CA ALA A 652 -33.30 -5.65 13.39
C ALA A 652 -31.98 -5.90 14.10
N ALA A 653 -32.06 -6.29 15.37
CA ALA A 653 -30.85 -6.43 16.19
C ALA A 653 -29.99 -7.60 15.74
N SER A 654 -30.60 -8.66 15.21
CA SER A 654 -29.84 -9.83 14.80
C SER A 654 -29.10 -9.62 13.48
N ALA A 655 -29.44 -8.58 12.72
CA ALA A 655 -28.83 -8.37 11.42
C ALA A 655 -27.51 -7.61 11.50
N ALA A 656 -27.28 -6.85 12.57
CA ALA A 656 -26.07 -6.05 12.67
C ALA A 656 -24.79 -6.88 12.74
N PRO A 657 -24.68 -7.94 13.57
CA PRO A 657 -23.39 -8.64 13.65
C PRO A 657 -22.99 -9.34 12.37
N PHE A 658 -23.93 -9.97 11.69
CA PHE A 658 -23.60 -10.67 10.45
C PHE A 658 -23.28 -9.70 9.33
N LEU A 659 -23.98 -8.57 9.29
CA LEU A 659 -23.65 -7.51 8.35
C LEU A 659 -22.42 -6.71 8.75
N ILE A 660 -21.85 -6.97 9.92
CA ILE A 660 -20.51 -6.50 10.25
C ILE A 660 -19.46 -7.48 9.77
N ALA A 661 -19.69 -8.77 10.02
CA ALA A 661 -18.78 -9.81 9.56
C ALA A 661 -18.73 -9.90 8.04
N LEU A 662 -19.78 -9.44 7.35
CA LEU A 662 -19.80 -9.56 5.89
C LEU A 662 -18.80 -8.63 5.21
N PRO A 663 -18.87 -7.30 5.38
CA PRO A 663 -17.89 -6.44 4.71
C PRO A 663 -16.48 -6.66 5.21
N VAL A 664 -16.31 -7.21 6.40
CA VAL A 664 -14.97 -7.61 6.85
C VAL A 664 -14.39 -8.67 5.91
N ILE A 665 -15.16 -9.74 5.64
CA ILE A 665 -14.66 -10.77 4.75
C ILE A 665 -14.61 -10.26 3.31
N THR A 666 -15.44 -9.29 2.96
CA THR A 666 -15.37 -8.73 1.61
C THR A 666 -14.08 -7.93 1.40
N ILE A 667 -13.72 -7.09 2.38
CA ILE A 667 -12.50 -6.31 2.23
C ILE A 667 -11.27 -7.21 2.41
N GLY A 668 -11.37 -8.25 3.23
CA GLY A 668 -10.28 -9.21 3.30
C GLY A 668 -10.13 -9.99 2.01
N PHE A 669 -11.24 -10.27 1.35
CA PHE A 669 -11.20 -10.91 0.05
C PHE A 669 -10.59 -9.99 -1.01
N HIS A 670 -10.93 -8.70 -0.94
CA HIS A 670 -10.30 -7.74 -1.83
C HIS A 670 -8.81 -7.68 -1.59
N ARG A 671 -8.39 -7.76 -0.32
CA ARG A 671 -6.96 -7.83 -0.03
C ARG A 671 -6.34 -9.10 -0.59
N PHE A 672 -7.06 -10.22 -0.52
CA PHE A 672 -6.58 -11.46 -1.12
C PHE A 672 -6.35 -11.28 -2.61
N CYS A 673 -7.38 -10.82 -3.32
CA CYS A 673 -7.27 -10.66 -4.76
C CYS A 673 -6.23 -9.63 -5.13
N LYS A 674 -6.11 -8.57 -4.33
CA LYS A 674 -5.02 -7.62 -4.52
C LYS A 674 -3.68 -8.35 -4.50
N GLY A 675 -3.32 -8.90 -3.34
CA GLY A 675 -2.03 -9.54 -3.21
C GLY A 675 -1.84 -10.73 -4.12
N ARG A 676 -2.91 -11.28 -4.67
CA ARG A 676 -2.82 -12.50 -5.48
C ARG A 676 -2.83 -12.24 -6.99
N PHE A 677 -3.40 -11.14 -7.47
CA PHE A 677 -3.35 -10.86 -8.90
C PHE A 677 -2.97 -9.43 -9.26
N GLU A 678 -3.15 -8.43 -8.38
CA GLU A 678 -2.69 -7.09 -8.73
C GLU A 678 -1.27 -7.08 -9.24
N PRO A 679 -0.33 -7.91 -8.73
CA PRO A 679 0.99 -8.01 -9.37
C PRO A 679 0.92 -8.38 -10.85
N ALA A 680 -0.19 -8.93 -11.33
CA ALA A 680 -0.26 -9.23 -12.75
C ALA A 680 -0.47 -7.97 -13.58
N PHE A 681 -1.10 -6.94 -13.02
CA PHE A 681 -1.36 -5.70 -13.74
C PHE A 681 -0.36 -4.62 -13.37
N VAL A 682 -0.25 -4.28 -12.09
CA VAL A 682 0.52 -3.12 -11.66
C VAL A 682 2.02 -3.37 -11.79
N ARG A 683 2.47 -4.63 -11.78
CA ARG A 683 3.89 -4.93 -11.78
C ARG A 683 4.18 -5.99 -12.85
N TYR A 684 4.63 -5.55 -14.02
CA TYR A 684 5.03 -6.46 -15.08
C TYR A 684 6.16 -7.37 -14.59
N PRO A 685 5.90 -8.66 -14.38
CA PRO A 685 6.87 -9.51 -13.70
C PRO A 685 8.11 -9.75 -14.54
N LEU A 686 9.21 -10.06 -13.84
CA LEU A 686 10.50 -10.19 -14.49
C LEU A 686 10.58 -11.46 -15.33
N GLN A 687 9.97 -12.55 -14.87
CA GLN A 687 10.03 -13.79 -15.64
C GLN A 687 9.28 -13.63 -16.96
N GLU A 688 8.10 -12.99 -16.92
CA GLU A 688 7.40 -12.69 -18.16
C GLU A 688 8.25 -11.86 -19.09
N ALA A 689 8.87 -10.80 -18.55
CA ALA A 689 9.71 -9.94 -19.36
C ALA A 689 10.84 -10.72 -20.02
N MET A 690 11.60 -11.48 -19.24
CA MET A 690 12.76 -12.16 -19.79
C MET A 690 12.36 -13.28 -20.75
N MET A 691 11.28 -14.00 -20.44
CA MET A 691 10.81 -15.04 -21.35
C MET A 691 10.39 -14.46 -22.69
N LYS A 692 9.56 -13.41 -22.65
CA LYS A 692 9.16 -12.74 -23.88
C LYS A 692 10.37 -12.19 -24.63
N ASP A 693 11.35 -11.67 -23.90
CA ASP A 693 12.51 -11.07 -24.53
C ASP A 693 13.36 -12.13 -25.22
N THR A 694 13.57 -13.28 -24.58
CA THR A 694 14.33 -14.34 -25.22
C THR A 694 13.58 -14.90 -26.43
N LEU A 695 12.25 -14.98 -26.36
CA LEU A 695 11.48 -15.41 -27.52
C LEU A 695 11.64 -14.42 -28.68
N GLU A 696 11.57 -13.13 -28.38
CA GLU A 696 11.72 -12.12 -29.44
C GLU A 696 13.13 -12.14 -30.02
N ARG A 697 14.15 -12.32 -29.19
CA ARG A 697 15.51 -12.40 -29.72
C ARG A 697 15.73 -13.68 -30.52
N ALA A 698 15.01 -14.75 -30.17
CA ALA A 698 15.07 -15.96 -30.99
C ALA A 698 14.42 -15.73 -32.35
N ARG A 699 13.35 -14.95 -32.40
CA ARG A 699 12.67 -14.70 -33.67
C ARG A 699 13.45 -13.69 -34.53
N GLU A 700 13.75 -12.51 -33.97
CA GLU A 700 14.41 -11.43 -34.69
C GLU A 700 15.80 -11.22 -34.08
N PRO A 701 16.84 -11.86 -34.63
CA PRO A 701 18.13 -11.90 -33.92
C PRO A 701 18.94 -10.62 -33.96
N ASN A 702 18.78 -9.76 -34.97
CA ASN A 702 19.46 -8.46 -34.96
C ASN A 702 18.64 -7.43 -34.19
N LEU A 703 17.43 -7.13 -34.69
CA LEU A 703 16.36 -6.43 -33.99
C LEU A 703 16.61 -4.94 -33.77
N ASN A 704 17.84 -4.47 -33.97
CA ASN A 704 18.18 -3.08 -34.29
C ASN A 704 17.23 -2.04 -33.68
N LEU A 705 16.89 -2.17 -32.40
CA LEU A 705 15.79 -1.40 -31.87
C LEU A 705 16.22 -0.10 -31.20
N LYS A 706 17.49 0.28 -31.32
CA LYS A 706 17.93 1.57 -30.78
C LYS A 706 17.26 2.73 -31.51
N GLY A 707 17.39 2.76 -32.83
CA GLY A 707 16.72 3.81 -33.60
C GLY A 707 15.22 3.78 -33.43
N TYR A 708 14.63 2.59 -33.46
CA TYR A 708 13.18 2.45 -33.34
C TYR A 708 12.69 3.01 -32.00
N LEU A 709 13.35 2.63 -30.90
CA LEU A 709 12.92 3.10 -29.59
C LEU A 709 13.19 4.58 -29.39
N GLN A 710 14.34 5.08 -29.87
CA GLN A 710 14.64 6.49 -29.66
C GLN A 710 13.77 7.39 -30.54
N ASP A 711 13.27 6.88 -31.66
CA ASP A 711 12.33 7.63 -32.47
C ASP A 711 10.89 7.47 -32.00
N ALA A 712 10.61 6.44 -31.19
CA ALA A 712 9.25 6.21 -30.74
C ALA A 712 8.71 7.38 -29.93
N TYR A 713 9.35 7.69 -28.80
CA TYR A 713 8.83 8.69 -27.87
C TYR A 713 9.35 10.09 -28.13
N ILE A 714 9.37 10.53 -29.37
CA ILE A 714 9.81 11.88 -29.60
C ILE A 714 8.59 12.67 -29.14
N HIS A 715 7.88 13.23 -30.09
CA HIS A 715 6.65 13.99 -29.85
C HIS A 715 5.86 14.06 -31.18
N PRO A 716 4.60 14.46 -31.11
CA PRO A 716 3.83 14.58 -32.35
C PRO A 716 4.53 15.66 -33.18
N VAL A 717 4.80 15.32 -34.44
CA VAL A 717 5.52 16.21 -35.34
C VAL A 717 5.02 16.05 -36.77
N LEU B 4 -2.06 13.14 43.95
CA LEU B 4 -0.77 13.70 43.58
C LEU B 4 0.28 13.41 44.66
N LYS B 5 -0.19 13.22 45.89
CA LYS B 5 0.71 12.73 46.95
C LYS B 5 1.12 11.30 46.66
N ASP B 6 0.20 10.48 46.15
CA ASP B 6 0.56 9.13 45.71
C ASP B 6 1.55 9.17 44.55
N ILE B 7 1.33 10.07 43.59
CA ILE B 7 2.29 10.28 42.51
C ILE B 7 3.62 10.76 43.08
N GLY B 8 3.57 11.64 44.09
CA GLY B 8 4.81 12.11 44.69
C GLY B 8 5.61 11.00 45.31
N VAL B 9 4.95 10.11 46.06
CA VAL B 9 5.67 9.02 46.70
C VAL B 9 6.09 7.95 45.70
N SER B 10 5.30 7.73 44.65
CA SER B 10 5.73 6.84 43.57
C SER B 10 7.00 7.37 42.92
N ALA B 11 7.00 8.66 42.58
CA ALA B 11 8.19 9.27 41.98
C ALA B 11 9.38 9.24 42.94
N GLY B 12 9.12 9.42 44.24
CA GLY B 12 10.21 9.37 45.20
C GLY B 12 10.78 7.98 45.35
N ILE B 13 9.92 6.99 45.56
CA ILE B 13 10.36 5.60 45.64
C ILE B 13 11.12 5.22 44.37
N ASN B 14 10.68 5.72 43.21
CA ASN B 14 11.29 5.26 41.97
C ASN B 14 12.57 6.02 41.63
N ILE B 15 12.71 7.28 42.02
CA ILE B 15 14.00 7.94 41.88
C ILE B 15 15.00 7.35 42.87
N LEU B 16 14.53 6.96 44.06
CA LEU B 16 15.41 6.30 45.00
C LEU B 16 15.77 4.90 44.51
N THR B 17 14.85 4.21 43.84
CA THR B 17 15.17 2.91 43.27
C THR B 17 16.12 3.04 42.09
N ALA B 18 15.94 4.09 41.28
CA ALA B 18 16.87 4.36 40.19
C ALA B 18 18.27 4.62 40.74
N PHE B 19 18.37 5.43 41.79
CA PHE B 19 19.70 5.71 42.34
C PHE B 19 20.26 4.54 43.13
N ILE B 20 19.40 3.69 43.70
CA ILE B 20 19.88 2.45 44.32
C ILE B 20 20.44 1.51 43.26
N PHE B 21 19.75 1.39 42.13
CA PHE B 21 20.26 0.62 41.02
C PHE B 21 21.56 1.21 40.50
N PHE B 22 21.64 2.54 40.40
CA PHE B 22 22.89 3.19 40.00
C PHE B 22 24.01 2.87 40.97
N ILE B 23 23.71 2.86 42.27
CA ILE B 23 24.73 2.56 43.28
C ILE B 23 25.23 1.13 43.13
N ILE B 24 24.31 0.16 43.19
CA ILE B 24 24.71 -1.24 43.10
C ILE B 24 25.36 -1.52 41.76
N PHE B 25 24.99 -0.78 40.73
CA PHE B 25 25.48 -1.01 39.39
C PHE B 25 26.88 -0.43 39.19
N ALA B 26 27.14 0.75 39.78
CA ALA B 26 28.50 1.25 39.85
C ALA B 26 29.39 0.29 40.62
N PHE B 27 28.89 -0.21 41.75
CA PHE B 27 29.65 -1.20 42.52
C PHE B 27 29.99 -2.42 41.68
N LEU B 28 28.99 -2.95 40.98
CA LEU B 28 29.21 -4.15 40.16
C LEU B 28 30.20 -3.87 39.03
N ARG B 29 30.06 -2.74 38.35
CA ARG B 29 31.02 -2.36 37.32
C ARG B 29 32.43 -2.29 37.89
N LEU B 30 32.58 -1.74 39.09
CA LEU B 30 33.92 -1.55 39.65
C LEU B 30 34.57 -2.87 40.04
N GLN B 31 33.78 -3.82 40.53
CA GLN B 31 34.32 -5.15 40.81
C GLN B 31 34.53 -5.91 39.51
N PRO B 32 35.76 -6.29 39.17
CA PRO B 32 36.07 -6.71 37.79
C PRO B 32 35.65 -8.13 37.44
N PHE B 33 35.33 -8.98 38.41
CA PHE B 33 35.03 -10.37 38.08
C PHE B 33 33.69 -10.51 37.35
N ASN B 34 32.80 -9.54 37.47
CA ASN B 34 31.61 -9.49 36.63
C ASN B 34 31.74 -8.46 35.51
N ASP B 35 32.94 -7.88 35.36
CA ASP B 35 33.18 -6.87 34.34
C ASP B 35 32.71 -7.33 32.96
N ARG B 36 32.93 -8.61 32.65
CA ARG B 36 32.51 -9.13 31.35
C ARG B 36 31.04 -8.84 31.06
N VAL B 37 30.17 -9.03 32.06
CA VAL B 37 28.76 -8.77 31.82
C VAL B 37 28.52 -7.32 31.43
N TYR B 38 29.18 -6.38 32.12
CA TYR B 38 28.87 -4.97 31.92
C TYR B 38 29.60 -4.36 30.74
N PHE B 39 30.69 -4.96 30.30
CA PHE B 39 31.36 -4.61 29.05
C PHE B 39 31.32 -5.85 28.18
N SER B 40 30.22 -6.05 27.46
CA SER B 40 30.19 -7.13 26.49
C SER B 40 30.78 -6.67 25.16
N LYS B 41 30.35 -5.52 24.66
CA LYS B 41 31.16 -4.85 23.66
C LYS B 41 32.43 -4.33 24.33
N TRP B 42 33.44 -4.06 23.51
CA TRP B 42 34.84 -3.93 23.90
C TRP B 42 35.40 -5.31 24.21
N TYR B 43 34.53 -6.31 24.31
CA TYR B 43 34.94 -7.70 24.44
C TYR B 43 34.51 -8.54 23.25
N LEU B 44 33.33 -8.24 22.68
CA LEU B 44 33.03 -8.76 21.35
C LEU B 44 33.91 -8.12 20.30
N ARG B 45 34.11 -6.81 20.40
CA ARG B 45 35.03 -6.10 19.51
C ARG B 45 36.49 -6.29 19.88
N GLY B 46 36.77 -6.94 21.01
CA GLY B 46 38.15 -7.16 21.44
C GLY B 46 38.91 -5.91 21.83
N LEU B 47 38.25 -4.76 21.91
CA LEU B 47 38.95 -3.52 22.24
C LEU B 47 39.51 -3.57 23.66
N ARG B 48 38.72 -4.06 24.62
CA ARG B 48 39.16 -4.25 25.99
C ARG B 48 39.30 -5.73 26.29
N SER B 49 39.92 -6.04 27.42
CA SER B 49 40.14 -7.43 27.80
C SER B 49 40.53 -7.48 29.27
N SER B 50 40.45 -8.69 29.84
CA SER B 50 40.85 -8.96 31.22
C SER B 50 40.19 -8.02 32.21
N LEU B 70 29.37 10.84 43.72
CA LEU B 70 30.81 10.89 43.46
C LEU B 70 31.20 9.97 42.31
N LYS B 71 31.02 8.66 42.52
CA LYS B 71 31.41 7.69 41.50
C LYS B 71 30.41 7.69 40.34
N PHE B 72 29.12 7.85 40.64
CA PHE B 72 28.10 7.88 39.60
C PHE B 72 28.31 9.03 38.62
N LEU B 73 28.99 10.10 39.04
CA LEU B 73 29.25 11.24 38.17
C LEU B 73 30.22 10.92 37.04
N HIS B 74 30.90 9.78 37.10
CA HIS B 74 31.78 9.34 36.03
C HIS B 74 31.12 8.34 35.10
N TRP B 75 29.84 8.03 35.31
CA TRP B 75 29.13 7.03 34.51
C TRP B 75 28.23 7.65 33.44
N MET B 76 27.27 8.47 33.85
CA MET B 76 26.36 9.07 32.89
C MET B 76 27.04 9.95 31.86
N PRO B 77 28.00 10.81 32.20
CA PRO B 77 28.66 11.59 31.14
C PRO B 77 29.50 10.72 30.22
N GLU B 78 30.14 9.69 30.75
CA GLU B 78 31.01 8.84 29.93
C GLU B 78 30.23 8.16 28.80
N ALA B 79 28.93 7.96 29.00
CA ALA B 79 28.13 7.37 27.93
C ALA B 79 27.93 8.35 26.77
N LEU B 80 27.80 9.65 27.08
CA LEU B 80 27.60 10.66 26.06
C LEU B 80 28.91 11.25 25.53
N LYS B 81 30.04 10.94 26.16
CA LYS B 81 31.34 11.31 25.59
C LYS B 81 31.59 10.59 24.27
N MET B 82 30.76 9.60 23.94
CA MET B 82 30.87 8.88 22.68
C MET B 82 30.20 9.69 21.57
N PRO B 83 30.91 9.98 20.48
CA PRO B 83 30.28 10.72 19.37
C PRO B 83 29.26 9.87 18.62
N GLU B 84 28.61 10.46 17.62
CA GLU B 84 27.51 9.79 16.94
C GLU B 84 27.99 8.81 15.88
N ARG B 85 28.70 9.30 14.87
CA ARG B 85 29.16 8.45 13.77
C ARG B 85 30.10 7.36 14.29
N GLU B 86 30.91 7.67 15.29
CA GLU B 86 31.76 6.64 15.87
C GLU B 86 30.94 5.59 16.60
N LEU B 87 29.83 5.99 17.24
CA LEU B 87 28.94 5.00 17.84
C LEU B 87 28.30 4.12 16.77
N ILE B 88 27.93 4.70 15.63
CA ILE B 88 27.42 3.90 14.52
C ILE B 88 28.43 2.85 14.13
N ASP B 89 29.64 3.29 13.75
CA ASP B 89 30.70 2.35 13.38
C ASP B 89 31.00 1.37 14.51
N HIS B 90 30.71 1.75 15.75
CA HIS B 90 31.00 0.91 16.90
C HIS B 90 30.01 -0.23 17.04
N ALA B 91 28.73 0.10 17.16
CA ALA B 91 27.71 -0.89 17.52
C ALA B 91 26.51 -0.84 16.57
N GLY B 92 26.76 -0.68 15.27
CA GLY B 92 25.68 -0.80 14.32
C GLY B 92 24.78 0.42 14.29
N LEU B 93 24.07 0.58 13.17
CA LEU B 93 23.20 1.73 13.01
C LEU B 93 21.86 1.54 13.71
N ASP B 94 21.38 0.30 13.81
CA ASP B 94 20.10 0.04 14.46
C ASP B 94 20.13 0.46 15.93
N SER B 95 21.22 0.15 16.63
CA SER B 95 21.32 0.56 18.02
C SER B 95 21.31 2.08 18.16
N VAL B 96 22.14 2.75 17.35
CA VAL B 96 22.22 4.19 17.49
C VAL B 96 20.90 4.85 17.11
N VAL B 97 20.13 4.25 16.20
CA VAL B 97 18.85 4.87 15.88
C VAL B 97 17.77 4.48 16.87
N TYR B 98 17.95 3.40 17.63
CA TYR B 98 17.11 3.17 18.79
C TYR B 98 17.34 4.27 19.84
N LEU B 99 18.61 4.55 20.13
CA LEU B 99 18.92 5.74 20.91
C LEU B 99 18.32 6.98 20.28
N ARG B 100 18.25 7.01 18.96
CA ARG B 100 17.64 8.14 18.28
C ARG B 100 16.13 8.20 18.54
N ILE B 101 15.50 7.06 18.75
CA ILE B 101 14.09 7.07 19.18
C ILE B 101 13.98 7.72 20.55
N TYR B 102 14.93 7.41 21.44
CA TYR B 102 14.95 8.07 22.74
C TYR B 102 15.12 9.59 22.59
N TRP B 103 16.14 10.01 21.85
CA TRP B 103 16.37 11.44 21.66
C TRP B 103 15.24 12.10 20.90
N LEU B 104 14.50 11.33 20.11
CA LEU B 104 13.28 11.85 19.48
C LEU B 104 12.19 12.05 20.50
N GLY B 105 12.10 11.15 21.48
CA GLY B 105 11.21 11.39 22.61
C GLY B 105 11.54 12.69 23.33
N LEU B 106 12.83 12.93 23.54
CA LEU B 106 13.25 14.19 24.13
C LEU B 106 12.85 15.37 23.25
N LYS B 107 13.21 15.32 21.97
CA LYS B 107 12.90 16.42 21.05
C LYS B 107 11.40 16.63 20.88
N ILE B 108 10.60 15.60 21.11
CA ILE B 108 9.17 15.70 20.89
C ILE B 108 8.41 16.11 22.15
N PHE B 109 8.96 15.83 23.32
CA PHE B 109 8.24 16.10 24.55
C PHE B 109 8.87 17.17 25.43
N ALA B 110 10.06 17.65 25.12
CA ALA B 110 10.58 18.79 25.85
C ALA B 110 9.92 20.07 25.35
N PRO B 111 9.84 20.32 24.03
CA PRO B 111 9.02 21.47 23.59
C PRO B 111 7.56 21.29 23.91
N ILE B 112 7.06 20.05 23.82
CA ILE B 112 5.68 19.78 24.19
C ILE B 112 5.47 20.05 25.68
N ALA B 113 6.46 19.72 26.51
CA ALA B 113 6.34 20.03 27.94
C ALA B 113 6.36 21.53 28.18
N MET B 114 7.25 22.25 27.50
CA MET B 114 7.28 23.70 27.67
C MET B 114 5.94 24.32 27.29
N LEU B 115 5.42 23.95 26.11
CA LEU B 115 4.18 24.53 25.63
C LEU B 115 2.96 24.03 26.39
N ALA B 116 3.07 22.90 27.10
CA ALA B 116 1.97 22.39 27.91
C ALA B 116 1.96 22.98 29.31
N TRP B 117 3.13 23.24 29.89
CA TRP B 117 3.17 23.99 31.14
C TRP B 117 2.97 25.48 30.93
N ALA B 118 3.09 25.96 29.69
CA ALA B 118 2.69 27.32 29.38
C ALA B 118 1.18 27.48 29.27
N VAL B 119 0.42 26.38 29.16
CA VAL B 119 -1.03 26.46 29.01
C VAL B 119 -1.73 25.56 30.02
N LEU B 120 -0.97 25.05 31.00
CA LEU B 120 -1.56 24.29 32.08
C LEU B 120 -1.91 25.16 33.27
N VAL B 121 -1.20 26.28 33.45
CA VAL B 121 -1.46 27.21 34.55
C VAL B 121 -2.84 27.87 34.46
N PRO B 122 -3.43 28.12 33.28
CA PRO B 122 -4.78 28.72 33.29
C PRO B 122 -5.85 27.76 33.76
N VAL B 123 -5.82 26.49 33.34
CA VAL B 123 -6.88 25.56 33.67
C VAL B 123 -6.82 25.16 35.15
N ASN B 124 -5.62 25.17 35.74
CA ASN B 124 -5.47 24.79 37.14
C ASN B 124 -4.64 25.83 37.90
N SER B 156 -16.42 25.52 28.36
CA SER B 156 -15.73 26.75 28.73
C SER B 156 -14.82 27.24 27.60
N ASN B 157 -14.19 28.39 27.81
CA ASN B 157 -13.33 28.99 26.79
C ASN B 157 -11.88 28.52 26.89
N ARG B 158 -11.47 27.97 28.03
CA ARG B 158 -10.11 27.48 28.18
C ARG B 158 -9.82 26.34 27.21
N PHE B 159 -10.82 25.46 26.99
CA PHE B 159 -10.62 24.33 26.10
C PHE B 159 -10.35 24.79 24.67
N TRP B 160 -10.96 25.91 24.27
CA TRP B 160 -10.60 26.51 22.99
C TRP B 160 -9.15 26.97 22.99
N ALA B 161 -8.67 27.50 24.11
CA ALA B 161 -7.30 27.97 24.18
C ALA B 161 -6.29 26.82 24.26
N HIS B 162 -6.70 25.59 24.58
CA HIS B 162 -5.75 24.49 24.57
C HIS B 162 -5.98 23.50 23.43
N ILE B 163 -7.04 23.66 22.64
CA ILE B 163 -7.11 22.82 21.44
C ILE B 163 -6.10 23.30 20.40
N ILE B 164 -5.88 24.61 20.34
CA ILE B 164 -4.80 25.14 19.50
C ILE B 164 -3.46 24.65 20.03
N MET B 165 -3.35 24.39 21.32
CA MET B 165 -2.11 23.85 21.86
C MET B 165 -1.98 22.35 21.60
N ALA B 166 -3.10 21.63 21.53
CA ALA B 166 -3.06 20.26 21.02
C ALA B 166 -2.60 20.23 19.57
N TYR B 167 -3.10 21.16 18.76
CA TYR B 167 -2.52 21.39 17.44
C TYR B 167 -1.02 21.56 17.53
N ALA B 168 -0.58 22.59 18.24
CA ALA B 168 0.85 22.86 18.43
C ALA B 168 1.62 21.58 18.80
N PHE B 169 1.07 20.78 19.71
CA PHE B 169 1.70 19.51 20.05
C PHE B 169 1.86 18.62 18.83
N THR B 170 0.78 18.42 18.07
CA THR B 170 0.83 17.48 16.95
C THR B 170 1.63 18.02 15.77
N ILE B 171 1.52 19.31 15.49
CA ILE B 171 2.35 19.95 14.48
C ILE B 171 3.82 19.86 14.86
N TRP B 172 4.14 20.00 16.15
CA TRP B 172 5.53 19.92 16.55
C TRP B 172 6.03 18.49 16.48
N THR B 173 5.24 17.52 16.91
CA THR B 173 5.68 16.14 16.78
C THR B 173 5.75 15.71 15.33
N CYS B 174 4.92 16.27 14.46
CA CYS B 174 5.05 15.93 13.06
C CYS B 174 6.28 16.58 12.44
N TYR B 175 6.54 17.85 12.73
CA TYR B 175 7.77 18.45 12.23
C TYR B 175 8.99 17.70 12.77
N MET B 176 8.95 17.32 14.05
CA MET B 176 10.05 16.58 14.64
C MET B 176 10.18 15.19 14.02
N LEU B 177 9.06 14.52 13.77
CA LEU B 177 9.09 13.21 13.16
C LEU B 177 9.51 13.26 11.72
N MET B 178 9.19 14.35 11.01
CA MET B 178 9.67 14.52 9.63
C MET B 178 11.17 14.72 9.61
N LYS B 179 11.64 15.72 10.35
CA LYS B 179 13.08 15.96 10.41
C LYS B 179 13.81 14.71 10.88
N GLU B 180 13.22 14.00 11.83
CA GLU B 180 13.87 12.84 12.43
C GLU B 180 13.79 11.62 11.53
N TYR B 181 12.67 11.44 10.83
CA TYR B 181 12.56 10.37 9.86
C TYR B 181 13.52 10.59 8.71
N GLU B 182 13.64 11.83 8.23
CA GLU B 182 14.63 12.15 7.22
C GLU B 182 16.05 11.95 7.75
N THR B 183 16.28 12.27 9.02
CA THR B 183 17.61 12.10 9.59
C THR B 183 17.99 10.64 9.69
N VAL B 184 17.09 9.80 10.20
CA VAL B 184 17.38 8.38 10.33
C VAL B 184 17.49 7.72 8.96
N ALA B 185 16.67 8.15 8.00
CA ALA B 185 16.81 7.62 6.64
C ALA B 185 18.13 8.04 6.01
N ASN B 186 18.53 9.31 6.23
CA ASN B 186 19.77 9.81 5.67
C ASN B 186 20.95 9.06 6.23
N MET B 187 20.97 8.88 7.56
CA MET B 187 22.07 8.11 8.16
C MET B 187 21.97 6.64 7.80
N ARG B 188 20.77 6.14 7.52
CA ARG B 188 20.63 4.76 7.06
C ARG B 188 21.28 4.58 5.70
N LEU B 189 20.97 5.46 4.75
CA LEU B 189 21.54 5.34 3.42
C LEU B 189 23.03 5.59 3.43
N GLN B 190 23.49 6.54 4.24
CA GLN B 190 24.93 6.75 4.39
C GLN B 190 25.61 5.53 5.01
N PHE B 191 24.93 4.85 5.94
CA PHE B 191 25.48 3.65 6.54
C PHE B 191 25.50 2.48 5.55
N LEU B 192 24.46 2.37 4.73
CA LEU B 192 24.41 1.31 3.73
C LEU B 192 25.45 1.52 2.64
N ALA B 193 25.72 2.77 2.28
CA ALA B 193 26.81 3.05 1.36
C ALA B 193 28.17 2.89 2.02
N SER B 194 28.24 3.05 3.35
CA SER B 194 29.50 2.96 4.07
C SER B 194 29.77 1.60 4.68
N GLU B 195 28.75 0.75 4.81
CA GLU B 195 28.96 -0.60 5.31
C GLU B 195 29.79 -1.40 4.29
N GLY B 196 30.73 -2.19 4.79
CA GLY B 196 31.54 -3.03 3.94
C GLY B 196 30.73 -4.17 3.35
N ARG B 197 31.47 -5.15 2.82
CA ARG B 197 30.81 -6.34 2.29
C ARG B 197 30.02 -7.04 3.39
N ARG B 198 28.87 -7.55 3.02
CA ARG B 198 27.99 -8.26 3.93
C ARG B 198 26.99 -9.01 3.05
N PRO B 199 26.80 -10.31 3.25
CA PRO B 199 25.97 -11.08 2.32
C PRO B 199 24.54 -10.56 2.23
N ASP B 200 24.04 -9.85 3.26
CA ASP B 200 22.69 -9.30 3.19
C ASP B 200 22.53 -8.34 2.01
N GLN B 201 23.59 -7.64 1.63
CA GLN B 201 23.49 -6.75 0.49
C GLN B 201 23.53 -7.50 -0.83
N PHE B 202 24.23 -8.63 -0.88
CA PHE B 202 24.50 -9.30 -2.15
C PHE B 202 23.49 -10.39 -2.50
N THR B 203 22.54 -10.70 -1.62
CA THR B 203 21.69 -11.84 -1.84
C THR B 203 20.22 -11.47 -1.61
N VAL B 204 19.37 -12.46 -1.84
CA VAL B 204 17.93 -12.31 -1.78
C VAL B 204 17.37 -13.66 -1.38
N LEU B 205 16.14 -13.66 -0.87
CA LEU B 205 15.47 -14.89 -0.46
C LEU B 205 14.29 -15.13 -1.40
N VAL B 206 14.30 -16.25 -2.09
CA VAL B 206 13.15 -16.69 -2.89
C VAL B 206 12.35 -17.64 -2.02
N ARG B 207 11.14 -17.22 -1.64
CA ARG B 207 10.40 -17.96 -0.62
C ARG B 207 9.69 -19.17 -1.20
N ASN B 208 8.82 -18.95 -2.18
CA ASN B 208 7.98 -20.01 -2.73
C ASN B 208 8.39 -20.28 -4.16
N VAL B 209 8.80 -21.50 -4.44
CA VAL B 209 9.05 -21.94 -5.81
C VAL B 209 8.03 -23.03 -6.13
N PRO B 210 7.79 -23.29 -7.41
CA PRO B 210 6.89 -24.39 -7.78
C PRO B 210 7.61 -25.73 -7.72
N PRO B 211 7.24 -26.60 -6.78
CA PRO B 211 7.86 -27.92 -6.69
C PRO B 211 7.33 -28.93 -7.69
N ASP B 212 6.58 -28.48 -8.69
CA ASP B 212 5.88 -29.39 -9.60
C ASP B 212 6.82 -30.36 -10.32
N PRO B 213 7.87 -29.92 -11.02
CA PRO B 213 8.66 -30.88 -11.81
C PRO B 213 9.40 -31.86 -10.91
N ASP B 214 9.72 -33.01 -11.51
CA ASP B 214 10.55 -33.99 -10.82
C ASP B 214 11.94 -33.43 -10.53
N GLU B 215 12.33 -32.34 -11.20
CA GLU B 215 13.63 -31.75 -10.98
C GLU B 215 13.71 -31.07 -9.62
N THR B 216 14.87 -31.16 -8.98
CA THR B 216 15.05 -30.68 -7.62
C THR B 216 14.96 -29.16 -7.54
N VAL B 217 14.71 -28.66 -6.33
CA VAL B 217 14.56 -27.22 -6.13
C VAL B 217 15.87 -26.48 -6.34
N SER B 218 16.99 -27.12 -6.03
CA SER B 218 18.29 -26.47 -6.19
C SER B 218 18.54 -26.10 -7.64
N GLU B 219 18.62 -27.11 -8.52
CA GLU B 219 18.79 -26.83 -9.93
C GLU B 219 17.60 -26.07 -10.51
N LEU B 220 16.42 -26.17 -9.88
CA LEU B 220 15.26 -25.42 -10.35
C LEU B 220 15.48 -23.92 -10.22
N VAL B 221 15.82 -23.46 -9.01
CA VAL B 221 16.06 -22.02 -8.83
C VAL B 221 17.32 -21.60 -9.56
N GLU B 222 18.31 -22.49 -9.67
CA GLU B 222 19.52 -22.18 -10.45
C GLU B 222 19.16 -21.91 -11.90
N HIS B 223 18.29 -22.74 -12.50
CA HIS B 223 17.86 -22.53 -13.87
C HIS B 223 16.99 -21.27 -13.97
N PHE B 224 16.10 -21.06 -13.01
CA PHE B 224 15.24 -19.88 -13.01
C PHE B 224 16.05 -18.60 -13.09
N PHE B 225 17.08 -18.48 -12.25
CA PHE B 225 17.86 -17.26 -12.23
C PHE B 225 18.96 -17.21 -13.30
N LEU B 226 19.44 -18.36 -13.77
CA LEU B 226 20.30 -18.33 -14.94
C LEU B 226 19.54 -17.81 -16.16
N VAL B 227 18.25 -18.12 -16.24
CA VAL B 227 17.42 -17.61 -17.33
C VAL B 227 17.08 -16.14 -17.10
N ASN B 228 16.67 -15.79 -15.89
CA ASN B 228 16.07 -14.47 -15.69
C ASN B 228 17.09 -13.38 -15.44
N HIS B 229 18.14 -13.67 -14.66
CA HIS B 229 19.13 -12.66 -14.28
C HIS B 229 20.52 -13.04 -14.80
N PRO B 230 20.70 -13.13 -16.12
CA PRO B 230 22.00 -13.56 -16.65
C PRO B 230 23.04 -12.49 -16.43
N ASP B 231 24.29 -12.95 -16.33
CA ASP B 231 25.46 -12.11 -16.01
C ASP B 231 25.34 -11.43 -14.65
N ASN B 232 24.38 -11.84 -13.84
CA ASN B 232 24.17 -11.26 -12.51
C ASN B 232 24.04 -12.31 -11.42
N TYR B 233 23.35 -13.42 -11.70
CA TYR B 233 23.08 -14.43 -10.68
C TYR B 233 24.34 -15.21 -10.37
N LEU B 234 24.72 -15.22 -9.10
CA LEU B 234 25.96 -15.85 -8.67
C LEU B 234 25.77 -17.27 -8.18
N THR B 235 25.00 -17.45 -7.10
CA THR B 235 24.82 -18.78 -6.53
C THR B 235 23.51 -18.81 -5.75
N HIS B 236 22.75 -19.88 -5.97
CA HIS B 236 21.63 -20.23 -5.11
C HIS B 236 22.16 -20.85 -3.82
N GLN B 237 21.28 -20.94 -2.83
CA GLN B 237 21.61 -21.65 -1.61
C GLN B 237 20.31 -22.15 -1.00
N VAL B 238 19.98 -23.42 -1.27
CA VAL B 238 18.71 -23.97 -0.82
C VAL B 238 18.65 -23.97 0.68
N VAL B 239 17.55 -23.47 1.24
CA VAL B 239 17.33 -23.56 2.68
C VAL B 239 16.91 -24.99 3.00
N CYS B 240 17.51 -25.56 4.03
CA CYS B 240 17.20 -26.92 4.46
C CYS B 240 16.18 -26.89 5.58
N ASN B 241 15.44 -27.99 5.71
CA ASN B 241 14.58 -28.12 6.88
C ASN B 241 15.42 -28.61 8.04
N ALA B 242 16.54 -27.94 8.29
CA ALA B 242 17.36 -28.25 9.43
C ALA B 242 16.73 -27.81 10.74
N ASN B 243 15.50 -27.29 10.69
CA ASN B 243 14.78 -26.95 11.92
C ASN B 243 14.84 -28.10 12.91
N LYS B 244 14.61 -29.33 12.44
CA LYS B 244 14.76 -30.48 13.31
C LYS B 244 16.22 -30.69 13.70
N LEU B 245 17.13 -30.59 12.75
CA LEU B 245 18.55 -30.75 13.07
C LEU B 245 19.05 -29.61 13.95
N ALA B 246 18.58 -28.39 13.71
CA ALA B 246 19.01 -27.26 14.55
C ALA B 246 18.48 -27.41 15.97
N ASP B 247 17.22 -27.82 16.11
CA ASP B 247 16.69 -28.09 17.45
C ASP B 247 17.45 -29.23 18.11
N LEU B 248 17.85 -30.23 17.34
CA LEU B 248 18.59 -31.35 17.90
C LEU B 248 19.96 -30.91 18.39
N VAL B 249 20.66 -30.07 17.62
CA VAL B 249 21.99 -29.60 18.04
C VAL B 249 21.87 -28.62 19.20
N SER B 250 20.81 -27.82 19.24
CA SER B 250 20.61 -26.95 20.39
C SER B 250 20.35 -27.77 21.65
N LYS B 251 19.53 -28.82 21.55
CA LYS B 251 19.36 -29.74 22.67
C LYS B 251 20.69 -30.39 23.03
N LYS B 252 21.49 -30.73 22.01
CA LYS B 252 22.80 -31.35 22.24
C LYS B 252 23.68 -30.45 23.10
N THR B 253 23.85 -29.19 22.69
CA THR B 253 24.72 -28.29 23.44
C THR B 253 24.11 -27.92 24.78
N LYS B 254 22.78 -27.88 24.89
CA LYS B 254 22.15 -27.60 26.17
C LYS B 254 22.44 -28.70 27.17
N LEU B 255 22.13 -29.96 26.81
CA LEU B 255 22.48 -31.05 27.70
C LEU B 255 23.99 -31.23 27.83
N GLN B 256 24.77 -30.71 26.88
CA GLN B 256 26.23 -30.77 27.00
C GLN B 256 26.71 -29.88 28.13
N ASN B 257 26.22 -28.63 28.19
CA ASN B 257 26.59 -27.79 29.32
C ASN B 257 25.95 -28.32 30.61
N TRP B 258 24.78 -28.95 30.52
CA TRP B 258 24.22 -29.61 31.69
C TRP B 258 25.14 -30.72 32.20
N LEU B 259 25.79 -31.44 31.28
CA LEU B 259 26.74 -32.48 31.67
C LEU B 259 28.00 -31.87 32.27
N ASP B 260 28.52 -30.82 31.63
CA ASP B 260 29.68 -30.13 32.18
C ASP B 260 29.42 -29.57 33.56
N TYR B 261 28.15 -29.24 33.86
CA TYR B 261 27.76 -28.84 35.20
C TYR B 261 28.21 -29.87 36.22
N TYR B 262 27.78 -31.12 36.06
CA TYR B 262 28.15 -32.16 37.02
C TYR B 262 29.63 -32.54 36.89
N GLN B 263 30.19 -32.45 35.68
CA GLN B 263 31.61 -32.73 35.50
C GLN B 263 32.46 -31.80 36.36
N LEU B 264 32.17 -30.51 36.33
CA LEU B 264 32.86 -29.55 37.18
C LEU B 264 32.37 -29.59 38.62
N LYS B 265 31.21 -30.18 38.87
CA LYS B 265 30.66 -30.21 40.23
C LYS B 265 31.33 -31.28 41.08
N TYR B 266 31.40 -32.52 40.58
CA TYR B 266 31.81 -33.63 41.44
C TYR B 266 33.24 -33.47 41.95
N THR B 267 34.21 -33.68 41.06
CA THR B 267 35.64 -33.42 41.28
C THR B 267 36.24 -34.22 42.44
N ARG B 268 35.40 -34.85 43.26
CA ARG B 268 35.87 -35.75 44.31
C ARG B 268 35.20 -37.11 44.21
N ASN B 269 33.87 -37.10 44.10
CA ASN B 269 33.08 -38.31 44.02
C ASN B 269 31.72 -37.94 43.45
N ASN B 270 31.41 -38.46 42.26
CA ASN B 270 30.20 -38.08 41.54
C ASN B 270 28.93 -38.45 42.30
N SER B 271 28.19 -37.44 42.77
CA SER B 271 26.94 -37.70 43.47
C SER B 271 25.88 -38.23 42.52
N GLN B 272 25.83 -37.68 41.29
CA GLN B 272 24.96 -38.17 40.22
C GLN B 272 23.49 -38.15 40.64
N ILE B 273 22.99 -36.92 40.82
CA ILE B 273 21.60 -36.70 41.21
C ILE B 273 20.65 -37.46 40.29
N ARG B 274 19.52 -37.89 40.85
CA ARG B 274 18.59 -38.73 40.10
C ARG B 274 17.70 -37.91 39.17
N PRO B 275 17.23 -36.76 39.62
CA PRO B 275 16.34 -35.89 38.85
C PRO B 275 15.11 -36.64 38.35
N ALA B 291 21.38 -40.00 37.14
CA ALA B 291 22.83 -40.11 37.23
C ALA B 291 23.52 -39.34 36.10
N ILE B 292 24.85 -39.32 36.13
CA ILE B 292 25.60 -38.69 35.04
C ILE B 292 25.67 -39.61 33.82
N GLU B 293 25.57 -40.93 34.04
CA GLU B 293 25.43 -41.85 32.93
C GLU B 293 24.16 -41.57 32.14
N HIS B 294 23.15 -40.97 32.77
CA HIS B 294 21.96 -40.54 32.04
C HIS B 294 22.31 -39.51 30.99
N TYR B 295 23.15 -38.52 31.34
CA TYR B 295 23.56 -37.54 30.35
C TYR B 295 24.57 -38.08 29.36
N ILE B 296 25.36 -39.08 29.76
CA ILE B 296 26.22 -39.77 28.79
C ILE B 296 25.37 -40.46 27.73
N ALA B 297 24.30 -41.15 28.17
CA ALA B 297 23.36 -41.74 27.22
C ALA B 297 22.62 -40.68 26.43
N GLU B 298 22.41 -39.50 27.03
CA GLU B 298 21.83 -38.38 26.30
C GLU B 298 22.71 -37.99 25.12
N VAL B 299 24.00 -37.77 25.37
CA VAL B 299 24.90 -37.36 24.30
C VAL B 299 25.04 -38.47 23.27
N ASP B 300 25.00 -39.74 23.71
CA ASP B 300 25.08 -40.85 22.75
C ASP B 300 23.85 -40.90 21.85
N LYS B 301 22.66 -40.78 22.44
CA LYS B 301 21.42 -40.82 21.65
C LYS B 301 21.32 -39.62 20.73
N THR B 302 21.73 -38.44 21.21
CA THR B 302 21.70 -37.26 20.34
C THR B 302 22.75 -37.36 19.24
N SER B 303 23.87 -38.01 19.49
CA SER B 303 24.86 -38.22 18.43
C SER B 303 24.33 -39.18 17.36
N LYS B 304 23.66 -40.26 17.79
CA LYS B 304 23.04 -41.15 16.82
C LYS B 304 21.95 -40.43 16.01
N GLU B 305 21.13 -39.63 16.70
CA GLU B 305 20.09 -38.86 16.01
C GLU B 305 20.70 -37.82 15.08
N ILE B 306 21.88 -37.28 15.43
CA ILE B 306 22.56 -36.34 14.55
C ILE B 306 23.10 -37.05 13.32
N ALA B 307 23.61 -38.27 13.49
CA ALA B 307 24.03 -39.06 12.34
C ALA B 307 22.85 -39.31 11.40
N GLU B 308 21.70 -39.71 11.96
CA GLU B 308 20.52 -39.94 11.13
C GLU B 308 20.05 -38.65 10.46
N GLU B 309 20.07 -37.53 11.19
CA GLU B 309 19.61 -36.27 10.64
C GLU B 309 20.54 -35.74 9.56
N ARG B 310 21.84 -35.98 9.70
CA ARG B 310 22.79 -35.61 8.66
C ARG B 310 22.62 -36.48 7.42
N GLU B 311 22.37 -37.78 7.62
CA GLU B 311 22.06 -38.63 6.47
C GLU B 311 20.77 -38.21 5.79
N ASN B 312 19.83 -37.65 6.54
CA ASN B 312 18.58 -37.19 5.95
C ASN B 312 18.73 -35.83 5.25
N VAL B 313 19.56 -34.94 5.80
CA VAL B 313 19.72 -33.61 5.25
C VAL B 313 20.58 -33.63 3.99
N VAL B 314 21.59 -34.50 3.91
CA VAL B 314 22.32 -34.67 2.68
C VAL B 314 21.44 -35.24 1.58
N ASN B 315 20.34 -35.89 1.94
CA ASN B 315 19.34 -36.33 0.96
C ASN B 315 18.42 -35.17 0.61
N ASP B 316 18.01 -35.11 -0.66
CA ASP B 316 17.35 -33.93 -1.18
C ASP B 316 15.87 -33.89 -0.83
N GLN B 317 15.11 -34.87 -1.31
CA GLN B 317 13.66 -34.79 -1.44
C GLN B 317 12.95 -34.13 -0.26
N LYS B 318 13.16 -34.67 0.95
CA LYS B 318 12.38 -34.21 2.10
C LYS B 318 12.97 -32.96 2.72
N SER B 319 14.30 -32.89 2.82
CA SER B 319 14.93 -31.84 3.64
C SER B 319 14.84 -30.48 2.96
N VAL B 320 15.02 -30.42 1.64
CA VAL B 320 15.00 -29.14 0.94
C VAL B 320 13.61 -28.52 1.04
N MET B 321 13.56 -27.20 0.89
CA MET B 321 12.34 -26.45 1.04
C MET B 321 12.04 -25.65 -0.22
N PRO B 322 10.85 -25.04 -0.34
CA PRO B 322 10.59 -24.18 -1.50
C PRO B 322 11.45 -22.93 -1.54
N ALA B 323 12.13 -22.57 -0.46
CA ALA B 323 12.89 -21.34 -0.40
C ALA B 323 14.37 -21.57 -0.70
N SER B 324 15.04 -20.50 -1.11
CA SER B 324 16.46 -20.56 -1.40
C SER B 324 17.03 -19.16 -1.25
N PHE B 325 18.35 -19.10 -1.09
CA PHE B 325 19.07 -17.84 -1.01
C PHE B 325 19.83 -17.65 -2.32
N VAL B 326 19.42 -16.65 -3.08
CA VAL B 326 20.01 -16.37 -4.39
C VAL B 326 20.98 -15.21 -4.24
N SER B 327 22.26 -15.47 -4.44
CA SER B 327 23.28 -14.43 -4.37
C SER B 327 23.60 -13.92 -5.77
N PHE B 328 24.13 -12.69 -5.82
CA PHE B 328 24.40 -12.04 -7.09
C PHE B 328 25.78 -11.40 -7.07
N LYS B 329 26.41 -11.36 -8.25
CA LYS B 329 27.74 -10.75 -8.38
C LYS B 329 27.73 -9.30 -7.90
N THR B 330 26.65 -8.57 -8.16
CA THR B 330 26.58 -7.16 -7.83
C THR B 330 25.43 -6.92 -6.85
N ARG B 331 25.64 -5.96 -5.94
CA ARG B 331 24.56 -5.55 -5.05
C ARG B 331 23.40 -4.97 -5.85
N TRP B 332 23.69 -4.36 -7.00
CA TRP B 332 22.63 -3.86 -7.86
C TRP B 332 21.73 -4.99 -8.33
N ALA B 333 22.33 -6.14 -8.68
CA ALA B 333 21.50 -7.26 -9.11
C ALA B 333 20.62 -7.77 -7.98
N ALA B 334 21.18 -7.86 -6.77
CA ALA B 334 20.37 -8.24 -5.61
C ALA B 334 19.25 -7.25 -5.40
N ALA B 335 19.51 -5.96 -5.64
CA ALA B 335 18.48 -4.96 -5.40
C ALA B 335 17.38 -5.04 -6.44
N VAL B 336 17.71 -5.28 -7.71
CA VAL B 336 16.64 -5.46 -8.69
C VAL B 336 15.83 -6.70 -8.34
N CYS B 337 16.49 -7.80 -7.97
CA CYS B 337 15.76 -8.98 -7.60
C CYS B 337 14.82 -8.72 -6.43
N ALA B 338 15.29 -7.97 -5.42
CA ALA B 338 14.48 -7.73 -4.25
C ALA B 338 13.29 -6.83 -4.56
N GLN B 339 13.54 -5.73 -5.27
CA GLN B 339 12.46 -4.79 -5.57
C GLN B 339 11.38 -5.42 -6.43
N THR B 340 11.79 -6.14 -7.49
CA THR B 340 10.85 -6.55 -8.51
C THR B 340 9.99 -7.71 -8.03
N THR B 341 8.87 -7.90 -8.73
CA THR B 341 8.12 -9.16 -8.70
C THR B 341 8.66 -10.05 -9.80
N GLN B 342 8.93 -11.31 -9.46
CA GLN B 342 9.67 -12.18 -10.36
C GLN B 342 8.77 -12.91 -11.36
N THR B 343 7.80 -13.66 -10.87
CA THR B 343 7.02 -14.56 -11.70
C THR B 343 5.60 -14.03 -11.91
N ARG B 344 4.83 -14.78 -12.69
CA ARG B 344 3.47 -14.36 -13.04
C ARG B 344 2.57 -14.34 -11.81
N ASN B 345 2.57 -15.41 -11.01
CA ASN B 345 1.68 -15.49 -9.85
C ASN B 345 2.46 -15.12 -8.59
N PRO B 346 2.08 -14.03 -7.91
CA PRO B 346 2.87 -13.55 -6.77
C PRO B 346 2.86 -14.47 -5.57
N THR B 347 2.10 -15.57 -5.60
CA THR B 347 2.16 -16.53 -4.51
C THR B 347 3.47 -17.31 -4.50
N GLU B 348 4.29 -17.20 -5.55
CA GLU B 348 5.55 -17.90 -5.62
C GLU B 348 6.63 -16.97 -6.13
N TRP B 349 7.89 -17.38 -5.96
CA TRP B 349 9.07 -16.62 -6.33
C TRP B 349 9.15 -15.26 -5.66
N LEU B 350 8.48 -15.10 -4.51
CA LEU B 350 8.64 -13.88 -3.74
C LEU B 350 10.09 -13.72 -3.33
N THR B 351 10.62 -12.51 -3.51
CA THR B 351 12.03 -12.24 -3.28
C THR B 351 12.14 -11.18 -2.20
N GLU B 352 12.43 -11.61 -0.98
CA GLU B 352 12.67 -10.71 0.14
C GLU B 352 14.14 -10.32 0.18
N TRP B 353 14.38 -9.07 0.59
CA TRP B 353 15.75 -8.67 0.89
C TRP B 353 16.31 -9.59 1.95
N ALA B 354 17.26 -10.44 1.58
CA ALA B 354 17.71 -11.47 2.52
C ALA B 354 18.58 -10.84 3.60
N ALA B 355 18.14 -10.96 4.84
CA ALA B 355 18.94 -10.46 5.95
C ALA B 355 20.20 -11.32 6.11
N GLU B 356 21.11 -10.84 6.97
CA GLU B 356 22.40 -11.51 7.16
C GLU B 356 22.19 -12.95 7.63
N PRO B 357 23.20 -13.81 7.42
CA PRO B 357 23.10 -15.17 7.98
C PRO B 357 23.03 -15.17 9.50
N ARG B 358 23.75 -14.25 10.15
CA ARG B 358 23.63 -14.07 11.59
C ARG B 358 22.24 -13.57 11.98
N ASP B 359 21.50 -13.01 11.03
CA ASP B 359 20.21 -12.37 11.29
C ASP B 359 19.06 -13.38 11.21
N ILE B 360 18.91 -14.04 10.07
CA ILE B 360 17.66 -14.75 9.77
C ILE B 360 17.43 -15.86 10.78
N TYR B 361 16.24 -15.86 11.39
CA TYR B 361 15.87 -16.83 12.41
C TYR B 361 15.60 -18.18 11.75
N TRP B 362 16.66 -18.97 11.56
CA TRP B 362 16.58 -20.21 10.80
C TRP B 362 15.43 -21.13 11.19
N PRO B 363 15.10 -21.34 12.48
CA PRO B 363 13.93 -22.17 12.78
C PRO B 363 12.66 -21.70 12.10
N ASN B 364 12.49 -20.40 11.90
CA ASN B 364 11.28 -19.91 11.27
C ASN B 364 11.28 -20.14 9.76
N LEU B 365 12.45 -20.28 9.15
CA LEU B 365 12.49 -20.74 7.77
C LEU B 365 12.05 -22.20 7.71
N ALA B 366 12.07 -22.76 6.51
CA ALA B 366 11.63 -24.13 6.29
C ALA B 366 10.18 -24.33 6.72
N ILE B 367 9.34 -23.32 6.46
CA ILE B 367 7.92 -23.39 6.69
C ILE B 367 7.23 -23.10 5.36
N PRO B 368 6.21 -23.86 4.97
CA PRO B 368 5.55 -23.58 3.70
C PRO B 368 4.96 -22.18 3.67
N TYR B 369 5.27 -21.43 2.62
CA TYR B 369 4.70 -20.09 2.50
C TYR B 369 3.19 -20.14 2.34
N VAL B 370 2.66 -21.24 1.80
CA VAL B 370 1.22 -21.41 1.74
C VAL B 370 0.64 -21.46 3.14
N SER B 371 1.37 -22.09 4.08
CA SER B 371 0.96 -22.17 5.48
C SER B 371 1.53 -21.05 6.32
N LEU B 372 1.83 -19.90 5.71
CA LEU B 372 2.37 -18.74 6.41
C LEU B 372 1.30 -17.72 6.74
N THR B 373 0.41 -17.43 5.79
CA THR B 373 -0.68 -16.52 6.08
C THR B 373 -1.67 -17.13 7.06
N VAL B 374 -1.83 -18.46 7.04
CA VAL B 374 -2.66 -19.10 8.06
C VAL B 374 -1.98 -18.98 9.43
N ARG B 375 -0.65 -19.01 9.48
CA ARG B 375 0.05 -18.81 10.74
C ARG B 375 -0.13 -17.38 11.23
N ARG B 376 -0.06 -16.41 10.33
CA ARG B 376 -0.32 -15.02 10.71
C ARG B 376 -1.74 -14.84 11.23
N LEU B 377 -2.71 -15.51 10.61
CA LEU B 377 -4.09 -15.37 11.06
C LEU B 377 -4.32 -16.06 12.40
N VAL B 378 -3.75 -17.25 12.60
CA VAL B 378 -3.90 -17.91 13.88
C VAL B 378 -3.16 -17.14 14.96
N MET B 379 -2.10 -16.42 14.61
CA MET B 379 -1.44 -15.60 15.61
C MET B 379 -2.20 -14.31 15.87
N ASN B 380 -2.94 -13.80 14.89
CA ASN B 380 -3.85 -12.69 15.18
C ASN B 380 -4.97 -13.14 16.12
N VAL B 381 -5.48 -14.35 15.92
CA VAL B 381 -6.49 -14.89 16.83
C VAL B 381 -5.88 -15.12 18.22
N ALA B 382 -4.63 -15.57 18.27
CA ALA B 382 -3.95 -15.75 19.55
C ALA B 382 -3.75 -14.41 20.24
N PHE B 383 -3.46 -13.36 19.47
CA PHE B 383 -3.30 -12.03 20.03
C PHE B 383 -4.63 -11.48 20.55
N PHE B 384 -5.72 -11.79 19.84
CA PHE B 384 -7.04 -11.39 20.29
C PHE B 384 -7.40 -12.08 21.60
N PHE B 385 -7.24 -13.41 21.65
CA PHE B 385 -7.49 -14.14 22.88
C PHE B 385 -6.52 -13.73 23.99
N LEU B 386 -5.34 -13.22 23.62
CA LEU B 386 -4.39 -12.72 24.59
C LEU B 386 -4.90 -11.42 25.23
N THR B 387 -5.23 -10.44 24.39
CA THR B 387 -5.74 -9.18 24.91
C THR B 387 -7.02 -9.39 25.73
N PHE B 388 -7.88 -10.31 25.31
CA PHE B 388 -9.09 -10.58 26.09
C PHE B 388 -8.86 -11.57 27.22
N PHE B 389 -7.66 -12.13 27.34
CA PHE B 389 -7.24 -12.83 28.55
C PHE B 389 -6.26 -12.01 29.37
N PHE B 390 -5.49 -11.12 28.75
CA PHE B 390 -4.63 -10.19 29.46
C PHE B 390 -5.37 -8.95 29.90
N ILE B 391 -6.68 -8.90 29.68
CA ILE B 391 -7.45 -7.76 30.17
C ILE B 391 -7.74 -7.92 31.67
N ILE B 392 -7.77 -9.15 32.18
CA ILE B 392 -8.07 -9.36 33.60
C ILE B 392 -6.87 -9.00 34.48
N PRO B 393 -5.61 -9.22 34.10
CA PRO B 393 -4.53 -8.65 34.93
C PRO B 393 -4.45 -7.14 34.81
N ILE B 394 -4.81 -6.56 33.65
CA ILE B 394 -4.83 -5.10 33.55
C ILE B 394 -5.93 -4.53 34.44
N ALA B 395 -7.06 -5.22 34.55
CA ALA B 395 -8.12 -4.78 35.45
C ALA B 395 -7.71 -4.98 36.91
N PHE B 396 -6.97 -6.05 37.19
CA PHE B 396 -6.43 -6.24 38.54
C PHE B 396 -5.48 -5.11 38.91
N VAL B 397 -4.62 -4.70 37.98
CA VAL B 397 -3.72 -3.59 38.22
C VAL B 397 -4.50 -2.29 38.44
N GLN B 398 -5.52 -2.05 37.62
CA GLN B 398 -6.31 -0.83 37.79
C GLN B 398 -7.02 -0.81 39.13
N SER B 399 -7.57 -1.95 39.55
CA SER B 399 -8.21 -2.01 40.86
C SER B 399 -7.19 -1.84 41.98
N LEU B 400 -5.94 -2.27 41.76
CA LEU B 400 -4.88 -1.96 42.70
C LEU B 400 -4.53 -0.48 42.69
N ALA B 401 -4.81 0.23 41.59
CA ALA B 401 -4.55 1.67 41.55
C ALA B 401 -5.59 2.45 42.34
N THR B 402 -6.82 1.94 42.40
CA THR B 402 -7.89 2.59 43.15
C THR B 402 -8.56 1.63 44.12
N ILE B 422 1.74 6.83 53.30
CA ILE B 422 0.98 5.75 53.92
C ILE B 422 1.00 4.52 53.01
N LYS B 423 0.05 3.61 53.24
CA LYS B 423 -0.03 2.39 52.47
C LYS B 423 -0.90 2.52 51.23
N SER B 424 -1.78 3.52 51.18
CA SER B 424 -2.61 3.72 49.99
C SER B 424 -1.77 4.07 48.78
N LEU B 425 -0.80 4.98 48.96
CA LEU B 425 0.12 5.29 47.87
C LEU B 425 1.00 4.09 47.53
N ILE B 426 1.33 3.27 48.53
CA ILE B 426 2.09 2.06 48.24
C ILE B 426 1.27 1.10 47.39
N GLN B 427 -0.05 1.06 47.58
CA GLN B 427 -0.89 0.26 46.70
C GLN B 427 -0.98 0.88 45.31
N GLY B 428 -1.06 2.21 45.24
CA GLY B 428 -1.02 2.88 43.95
C GLY B 428 0.25 2.59 43.17
N LEU B 429 1.37 2.41 43.88
CA LEU B 429 2.63 2.06 43.23
C LEU B 429 2.71 0.57 42.91
N LEU B 430 2.19 -0.27 43.81
CA LEU B 430 2.11 -1.71 43.56
C LEU B 430 1.32 -2.00 42.30
N ALA B 431 0.32 -1.16 41.98
CA ALA B 431 -0.38 -1.28 40.72
C ALA B 431 0.59 -1.30 39.54
N GLY B 432 1.44 -0.27 39.44
CA GLY B 432 2.38 -0.21 38.35
C GLY B 432 3.45 -1.29 38.41
N ILE B 433 3.93 -1.62 39.62
CA ILE B 433 4.97 -2.63 39.71
C ILE B 433 4.43 -4.00 39.32
N ALA B 434 3.16 -4.27 39.63
CA ALA B 434 2.55 -5.52 39.23
C ALA B 434 2.17 -5.53 37.75
N LEU B 435 1.91 -4.35 37.18
CA LEU B 435 1.72 -4.31 35.73
C LEU B 435 3.03 -4.61 35.00
N LYS B 436 4.15 -4.07 35.49
CA LYS B 436 5.44 -4.38 34.89
C LYS B 436 5.80 -5.85 35.13
N LEU B 437 5.45 -6.38 36.30
CA LEU B 437 5.67 -7.80 36.57
C LEU B 437 4.83 -8.67 35.65
N PHE B 438 3.63 -8.22 35.30
CA PHE B 438 2.80 -8.98 34.35
C PHE B 438 3.31 -8.82 32.93
N LEU B 439 3.95 -7.71 32.62
CA LEU B 439 4.49 -7.45 31.30
C LEU B 439 5.96 -7.80 31.17
N ILE B 440 6.55 -8.46 32.16
CA ILE B 440 7.94 -8.89 32.00
C ILE B 440 8.01 -10.13 31.12
N PHE B 441 6.92 -10.92 31.07
CA PHE B 441 6.85 -12.07 30.19
C PHE B 441 6.09 -11.75 28.90
N LEU B 442 5.54 -10.55 28.78
CA LEU B 442 4.82 -10.20 27.55
C LEU B 442 5.73 -10.10 26.33
N PRO B 443 6.89 -9.42 26.38
CA PRO B 443 7.73 -9.37 25.18
C PRO B 443 8.26 -10.73 24.79
N ALA B 444 8.50 -11.62 25.76
CA ALA B 444 8.98 -12.96 25.43
C ALA B 444 7.91 -13.75 24.65
N ILE B 445 6.67 -13.76 25.15
CA ILE B 445 5.63 -14.50 24.46
C ILE B 445 5.24 -13.82 23.15
N LEU B 446 5.44 -12.52 23.03
CA LEU B 446 5.25 -11.87 21.73
C LEU B 446 6.35 -12.24 20.76
N MET B 447 7.59 -12.38 21.26
CA MET B 447 8.66 -12.90 20.45
C MET B 447 8.34 -14.30 19.96
N THR B 448 7.80 -15.15 20.84
CA THR B 448 7.40 -16.49 20.45
C THR B 448 6.25 -16.45 19.43
N MET B 449 5.28 -15.57 19.66
CA MET B 449 4.19 -15.40 18.71
C MET B 449 4.70 -15.01 17.33
N SER B 450 5.68 -14.10 17.29
CA SER B 450 6.22 -13.67 16.00
C SER B 450 7.08 -14.76 15.36
N LYS B 451 7.82 -15.52 16.17
CA LYS B 451 8.54 -16.68 15.64
C LYS B 451 7.56 -17.65 15.01
N PHE B 452 6.39 -17.83 15.61
CA PHE B 452 5.37 -18.67 15.00
C PHE B 452 4.71 -18.01 13.81
N GLU B 453 4.78 -16.68 13.72
CA GLU B 453 4.09 -15.95 12.66
C GLU B 453 4.81 -16.04 11.31
N GLY B 454 5.98 -16.66 11.25
CA GLY B 454 6.60 -16.97 9.98
C GLY B 454 7.68 -16.02 9.50
N PHE B 455 8.03 -15.00 10.27
CA PHE B 455 9.03 -14.05 9.84
C PHE B 455 10.43 -14.63 10.02
N THR B 456 11.22 -14.59 8.94
CA THR B 456 12.50 -15.30 8.95
C THR B 456 13.59 -14.47 9.61
N SER B 457 13.73 -13.21 9.24
CA SER B 457 14.80 -12.38 9.77
C SER B 457 14.49 -11.96 11.20
N VAL B 458 15.39 -12.27 12.13
CA VAL B 458 15.18 -11.86 13.52
C VAL B 458 15.10 -10.35 13.61
N SER B 459 15.65 -9.62 12.63
CA SER B 459 15.39 -8.18 12.53
C SER B 459 13.91 -7.93 12.36
N PHE B 460 13.32 -8.44 11.27
CA PHE B 460 11.89 -8.27 11.08
C PHE B 460 11.09 -9.01 12.14
N LEU B 461 11.64 -10.09 12.69
CA LEU B 461 10.93 -10.78 13.76
C LEU B 461 10.77 -9.88 14.98
N GLU B 462 11.84 -9.19 15.37
CA GLU B 462 11.71 -8.24 16.47
C GLU B 462 10.89 -7.03 16.08
N ARG B 463 10.91 -6.62 14.81
CA ARG B 463 10.06 -5.52 14.38
C ARG B 463 8.58 -5.88 14.52
N ARG B 464 8.20 -7.08 14.06
CA ARG B 464 6.81 -7.51 14.22
C ARG B 464 6.47 -7.73 15.68
N SER B 465 7.42 -8.26 16.45
CA SER B 465 7.17 -8.43 17.88
C SER B 465 6.93 -7.09 18.55
N ALA B 466 7.70 -6.06 18.19
CA ALA B 466 7.48 -4.74 18.74
C ALA B 466 6.15 -4.16 18.25
N SER B 467 5.79 -4.44 17.00
CA SER B 467 4.51 -3.94 16.49
C SER B 467 3.34 -4.57 17.24
N ARG B 468 3.43 -5.87 17.53
CA ARG B 468 2.35 -6.52 18.27
C ARG B 468 2.35 -6.10 19.74
N TYR B 469 3.52 -5.96 20.35
CA TYR B 469 3.59 -5.41 21.69
C TYR B 469 2.99 -4.01 21.74
N TYR B 470 3.17 -3.23 20.68
CA TYR B 470 2.62 -1.89 20.68
C TYR B 470 1.12 -1.89 20.48
N ILE B 471 0.60 -2.68 19.55
CA ILE B 471 -0.85 -2.77 19.41
C ILE B 471 -1.46 -3.54 20.58
N PHE B 472 -0.62 -4.10 21.45
CA PHE B 472 -1.09 -4.56 22.75
C PHE B 472 -1.20 -3.39 23.72
N ASN B 473 -0.08 -2.69 23.95
CA ASN B 473 -0.07 -1.54 24.85
C ASN B 473 -1.16 -0.55 24.49
N LEU B 474 -1.38 -0.33 23.20
CA LEU B 474 -2.40 0.61 22.75
C LEU B 474 -3.79 0.13 23.14
N VAL B 475 -4.09 -1.15 22.88
CA VAL B 475 -5.45 -1.64 23.13
C VAL B 475 -5.62 -2.27 24.51
N ASN B 476 -4.53 -2.62 25.19
CA ASN B 476 -4.62 -3.28 26.49
C ASN B 476 -4.05 -2.44 27.62
N VAL B 477 -2.79 -2.02 27.52
CA VAL B 477 -2.16 -1.27 28.61
C VAL B 477 -2.50 0.21 28.57
N PHE B 478 -3.04 0.72 27.47
CA PHE B 478 -3.51 2.09 27.45
C PHE B 478 -5.02 2.19 27.30
N LEU B 479 -5.59 1.64 26.24
CA LEU B 479 -7.04 1.67 26.10
C LEU B 479 -7.70 0.77 27.13
N GLY B 480 -7.23 -0.46 27.25
CA GLY B 480 -7.78 -1.37 28.24
C GLY B 480 -7.56 -0.88 29.65
N SER B 481 -6.37 -0.38 29.94
CA SER B 481 -6.09 0.12 31.29
C SER B 481 -6.91 1.38 31.60
N VAL B 482 -7.05 2.28 30.63
CA VAL B 482 -7.80 3.50 30.90
C VAL B 482 -9.29 3.18 31.07
N ILE B 483 -9.81 2.20 30.31
CA ILE B 483 -11.22 1.88 30.48
C ILE B 483 -11.43 1.10 31.77
N ALA B 484 -10.45 0.29 32.18
CA ALA B 484 -10.56 -0.38 33.48
C ALA B 484 -10.52 0.65 34.61
N GLY B 485 -9.70 1.67 34.48
CA GLY B 485 -9.71 2.75 35.45
C GLY B 485 -11.02 3.50 35.49
N ALA B 486 -11.59 3.79 34.32
CA ALA B 486 -12.89 4.44 34.26
C ALA B 486 -13.98 3.56 34.85
N ALA B 487 -13.87 2.24 34.70
CA ALA B 487 -14.87 1.34 35.25
C ALA B 487 -14.74 1.26 36.77
N PHE B 488 -13.52 1.21 37.29
CA PHE B 488 -13.30 1.08 38.72
C PHE B 488 -13.34 2.41 39.46
N GLU B 489 -13.45 3.53 38.74
CA GLU B 489 -13.81 4.78 39.39
C GLU B 489 -15.29 4.78 39.78
N GLN B 490 -16.13 4.07 39.02
CA GLN B 490 -17.55 3.98 39.36
C GLN B 490 -17.76 3.28 40.71
N LEU B 491 -16.92 2.31 41.02
CA LEU B 491 -17.05 1.53 42.25
C LEU B 491 -16.40 2.23 43.43
N LYS B 504 -19.41 13.78 32.18
CA LYS B 504 -18.18 13.08 31.86
C LYS B 504 -18.01 11.84 32.74
N THR B 505 -18.45 10.69 32.23
CA THR B 505 -18.30 9.44 32.97
C THR B 505 -16.92 8.84 32.77
N ILE B 506 -16.48 8.69 31.52
CA ILE B 506 -15.17 8.14 31.21
C ILE B 506 -14.18 9.27 30.95
N GLY B 507 -14.68 10.39 30.45
CA GLY B 507 -13.82 11.52 30.16
C GLY B 507 -13.20 12.12 31.40
N MET B 508 -13.93 12.13 32.52
CA MET B 508 -13.40 12.67 33.76
C MET B 508 -12.52 11.68 34.51
N ALA B 509 -12.38 10.44 34.03
CA ALA B 509 -11.58 9.43 34.70
C ALA B 509 -10.27 9.12 34.00
N ILE B 510 -10.10 9.51 32.74
CA ILE B 510 -8.87 9.22 32.01
C ILE B 510 -7.72 10.11 32.50
N PRO B 511 -7.93 11.39 32.85
CA PRO B 511 -6.85 12.10 33.55
C PRO B 511 -6.57 11.52 34.93
N MET B 512 -7.55 10.83 35.53
CA MET B 512 -7.28 10.11 36.77
C MET B 512 -6.45 8.86 36.50
N LYS B 513 -6.68 8.19 35.37
CA LYS B 513 -5.82 7.09 34.96
C LYS B 513 -4.43 7.56 34.58
N ALA B 514 -4.28 8.85 34.24
CA ALA B 514 -2.95 9.39 34.01
C ALA B 514 -2.11 9.37 35.28
N THR B 515 -2.75 9.45 36.45
CA THR B 515 -2.01 9.28 37.71
C THR B 515 -1.39 7.89 37.79
N PHE B 516 -2.18 6.86 37.46
CA PHE B 516 -1.65 5.51 37.39
C PHE B 516 -0.53 5.40 36.36
N PHE B 517 -0.72 6.06 35.21
CA PHE B 517 0.32 6.01 34.19
C PHE B 517 1.59 6.70 34.66
N ILE B 518 1.48 7.72 35.51
CA ILE B 518 2.67 8.33 36.10
C ILE B 518 3.36 7.34 37.03
N THR B 519 2.60 6.71 37.92
CA THR B 519 3.20 5.71 38.79
C THR B 519 3.85 4.60 37.99
N TYR B 520 3.29 4.29 36.81
CA TYR B 520 3.79 3.20 35.98
C TYR B 520 5.05 3.58 35.21
N ILE B 521 5.06 4.77 34.59
CA ILE B 521 6.29 5.25 33.95
C ILE B 521 7.38 5.43 34.99
N MET B 522 7.01 5.65 36.25
CA MET B 522 8.03 5.69 37.29
C MET B 522 8.51 4.28 37.65
N VAL B 523 7.62 3.30 37.70
CA VAL B 523 8.10 1.97 38.07
C VAL B 523 8.75 1.25 36.89
N ASP B 524 8.29 1.50 35.68
CA ASP B 524 8.80 0.80 34.51
C ASP B 524 9.80 1.63 33.71
N GLY B 525 9.50 2.90 33.48
CA GLY B 525 10.42 3.74 32.72
C GLY B 525 11.58 4.23 33.56
N TRP B 526 11.30 4.65 34.79
CA TRP B 526 12.34 5.13 35.67
C TRP B 526 13.08 3.98 36.34
N ALA B 527 12.36 3.19 37.15
CA ALA B 527 13.00 2.12 37.91
C ALA B 527 13.20 0.87 37.07
N GLY B 528 12.32 0.61 36.11
CA GLY B 528 12.49 -0.56 35.26
C GLY B 528 13.72 -0.46 34.39
N VAL B 529 13.95 0.70 33.78
CA VAL B 529 15.15 0.88 32.96
C VAL B 529 16.39 0.94 33.86
N ALA B 530 16.27 1.55 35.03
CA ALA B 530 17.37 1.56 35.98
C ALA B 530 17.75 0.16 36.43
N GLY B 531 16.79 -0.76 36.49
CA GLY B 531 17.13 -2.15 36.71
C GLY B 531 17.66 -2.83 35.48
N GLU B 532 17.20 -2.41 34.31
CA GLU B 532 17.73 -2.93 33.05
C GLU B 532 19.23 -2.65 32.93
N ILE B 533 19.71 -1.57 33.53
CA ILE B 533 21.16 -1.31 33.52
C ILE B 533 21.90 -2.47 34.18
N LEU B 534 21.41 -2.91 35.34
CA LEU B 534 22.10 -3.97 36.08
C LEU B 534 22.23 -5.23 35.24
N MET B 535 21.22 -5.53 34.43
CA MET B 535 21.14 -6.79 33.70
C MET B 535 21.30 -7.96 34.65
N LEU B 536 20.43 -7.98 35.66
CA LEU B 536 20.43 -9.05 36.65
C LEU B 536 20.37 -10.41 35.97
N LYS B 537 19.47 -10.56 34.98
CA LYS B 537 19.37 -11.84 34.29
C LYS B 537 20.64 -12.17 33.51
N PRO B 538 21.17 -11.30 32.63
CA PRO B 538 22.43 -11.66 31.96
C PRO B 538 23.59 -11.86 32.91
N LEU B 539 23.70 -11.06 33.97
CA LEU B 539 24.83 -11.19 34.89
C LEU B 539 24.75 -12.50 35.65
N ILE B 540 23.59 -12.84 36.19
CA ILE B 540 23.42 -14.09 36.91
C ILE B 540 23.64 -15.27 35.97
N ILE B 541 23.18 -15.16 34.72
CA ILE B 541 23.40 -16.23 33.75
C ILE B 541 24.89 -16.41 33.50
N TYR B 542 25.62 -15.31 33.32
CA TYR B 542 27.05 -15.39 33.07
C TYR B 542 27.79 -16.00 34.26
N HIS B 543 27.41 -15.60 35.47
CA HIS B 543 28.06 -16.14 36.66
C HIS B 543 27.78 -17.63 36.81
N LEU B 544 26.54 -18.05 36.60
CA LEU B 544 26.22 -19.48 36.67
C LEU B 544 26.97 -20.26 35.59
N LYS B 545 27.09 -19.69 34.40
CA LYS B 545 27.76 -20.39 33.31
C LYS B 545 29.25 -20.56 33.58
N ASN B 546 29.92 -19.47 33.99
CA ASN B 546 31.36 -19.56 34.22
C ASN B 546 31.67 -20.40 35.46
N ALA B 547 30.86 -20.26 36.52
CA ALA B 547 31.12 -21.00 37.74
C ALA B 547 30.72 -22.47 37.59
N PHE B 548 29.65 -22.74 36.85
CA PHE B 548 29.16 -24.10 36.71
C PHE B 548 28.88 -24.42 35.25
N GLU B 557 37.28 -21.05 28.73
CA GLU B 557 36.93 -20.34 27.51
C GLU B 557 35.91 -19.21 27.75
N GLU B 558 35.31 -18.73 26.66
CA GLU B 558 34.56 -17.48 26.66
C GLU B 558 33.33 -17.61 25.75
N ALA B 559 32.15 -17.52 26.34
CA ALA B 559 30.88 -17.76 25.65
C ALA B 559 29.86 -16.67 25.99
N MET B 560 30.25 -15.41 25.84
CA MET B 560 29.48 -14.27 26.30
C MET B 560 28.00 -14.24 25.91
N ASN B 561 27.74 -14.04 24.60
CA ASN B 561 26.41 -13.87 24.01
C ASN B 561 25.50 -13.10 24.97
N PRO B 562 25.76 -11.80 25.19
CA PRO B 562 25.10 -11.11 26.31
C PRO B 562 23.60 -11.00 26.18
N GLY B 563 23.11 -10.65 24.99
CA GLY B 563 21.72 -10.31 24.80
C GLY B 563 21.62 -9.10 23.90
N SER B 564 20.67 -9.13 22.97
CA SER B 564 20.57 -8.06 21.99
C SER B 564 20.14 -6.76 22.66
N ILE B 565 19.98 -5.72 21.84
CA ILE B 565 19.47 -4.44 22.34
C ILE B 565 18.06 -4.56 22.89
N GLY B 566 17.37 -5.66 22.61
CA GLY B 566 16.02 -5.87 23.11
C GLY B 566 14.99 -4.98 22.45
N PHE B 567 15.05 -4.84 21.12
CA PHE B 567 14.13 -3.95 20.43
C PHE B 567 12.69 -4.35 20.69
N ASN B 568 12.36 -5.62 20.49
CA ASN B 568 11.01 -6.13 20.71
C ASN B 568 10.51 -5.91 22.13
N THR B 569 11.39 -5.60 23.07
CA THR B 569 11.03 -5.32 24.46
C THR B 569 11.08 -3.84 24.78
N GLY B 570 12.21 -3.19 24.52
CA GLY B 570 12.35 -1.80 24.89
C GLY B 570 11.54 -0.87 24.00
N GLU B 571 11.62 -1.09 22.68
CA GLU B 571 10.98 -0.16 21.75
C GLU B 571 9.46 -0.08 21.90
N PRO B 572 8.72 -1.17 22.03
CA PRO B 572 7.26 -1.01 22.21
C PRO B 572 6.91 -0.27 23.47
N GLN B 573 7.74 -0.36 24.52
CA GLN B 573 7.51 0.48 25.68
C GLN B 573 7.76 1.95 25.36
N ILE B 574 8.71 2.25 24.47
CA ILE B 574 8.95 3.62 24.07
C ILE B 574 7.76 4.14 23.27
N GLN B 575 7.17 3.30 22.43
CA GLN B 575 5.97 3.73 21.73
C GLN B 575 4.80 3.86 22.70
N LEU B 576 4.75 3.03 23.74
CA LEU B 576 3.73 3.19 24.77
C LEU B 576 3.88 4.54 25.46
N TYR B 577 5.11 4.96 25.73
CA TYR B 577 5.34 6.23 26.40
C TYR B 577 5.14 7.41 25.45
N PHE B 578 5.42 7.22 24.15
CA PHE B 578 4.98 8.19 23.16
C PHE B 578 3.46 8.34 23.20
N LEU B 579 2.76 7.21 23.21
CA LEU B 579 1.31 7.20 23.28
C LEU B 579 0.82 7.96 24.50
N LEU B 580 1.39 7.65 25.66
CA LEU B 580 0.99 8.31 26.90
C LEU B 580 1.29 9.81 26.85
N GLY B 581 2.50 10.17 26.43
CA GLY B 581 2.87 11.57 26.38
C GLY B 581 2.05 12.38 25.40
N LEU B 582 1.62 11.74 24.30
CA LEU B 582 0.81 12.47 23.33
C LEU B 582 -0.65 12.56 23.76
N VAL B 583 -1.19 11.51 24.36
CA VAL B 583 -2.58 11.58 24.81
C VAL B 583 -2.71 12.48 26.02
N TYR B 584 -1.65 12.61 26.82
CA TYR B 584 -1.72 13.38 28.05
C TYR B 584 -0.96 14.70 27.98
N ALA B 585 -0.36 15.02 26.84
CA ALA B 585 0.16 16.37 26.65
C ALA B 585 -1.05 17.26 26.44
N PRO B 586 -2.03 16.82 25.65
CA PRO B 586 -3.25 17.61 25.47
C PRO B 586 -4.19 17.57 26.65
N VAL B 587 -4.10 16.57 27.53
CA VAL B 587 -5.09 16.35 28.59
C VAL B 587 -4.53 16.71 29.96
N THR B 588 -3.46 16.06 30.38
CA THR B 588 -2.96 16.18 31.75
C THR B 588 -1.44 16.21 31.73
N PRO B 589 -0.86 17.40 31.59
CA PRO B 589 0.61 17.50 31.47
C PRO B 589 1.34 17.26 32.78
N MET B 590 0.65 16.73 33.80
CA MET B 590 1.37 16.28 34.99
C MET B 590 2.23 15.07 34.69
N LEU B 591 1.86 14.28 33.68
CA LEU B 591 2.67 13.13 33.27
C LEU B 591 3.87 13.54 32.43
N LEU B 592 3.67 14.55 31.58
CA LEU B 592 4.67 14.99 30.61
C LEU B 592 6.09 15.12 31.16
N PRO B 593 6.33 15.78 32.29
CA PRO B 593 7.71 15.83 32.79
C PRO B 593 8.26 14.48 33.15
N PHE B 594 7.42 13.56 33.63
CA PHE B 594 7.91 12.24 34.04
C PHE B 594 8.33 11.42 32.83
N ILE B 595 7.54 11.41 31.76
CA ILE B 595 7.96 10.68 30.57
C ILE B 595 9.12 11.39 29.88
N LEU B 596 9.20 12.71 30.00
CA LEU B 596 10.34 13.43 29.42
C LEU B 596 11.64 13.04 30.12
N VAL B 597 11.64 13.07 31.46
CA VAL B 597 12.84 12.71 32.19
C VAL B 597 13.11 11.21 32.06
N PHE B 598 12.06 10.40 31.82
CA PHE B 598 12.31 9.01 31.46
C PHE B 598 13.04 8.90 30.14
N PHE B 599 12.63 9.67 29.14
CA PHE B 599 13.35 9.64 27.86
C PHE B 599 14.80 10.03 28.07
N ALA B 600 15.04 11.07 28.87
CA ALA B 600 16.41 11.45 29.20
C ALA B 600 17.19 10.27 29.80
N LEU B 601 16.66 9.68 30.87
CA LEU B 601 17.30 8.55 31.52
C LEU B 601 17.52 7.42 30.53
N ALA B 602 16.42 6.83 30.05
CA ALA B 602 16.45 5.76 29.08
C ALA B 602 17.50 6.01 28.00
N TYR B 603 17.57 7.24 27.48
CA TYR B 603 18.59 7.54 26.49
C TYR B 603 19.99 7.34 27.06
N VAL B 604 20.28 7.96 28.21
CA VAL B 604 21.66 7.88 28.70
C VAL B 604 22.02 6.45 29.05
N VAL B 605 21.09 5.69 29.64
CA VAL B 605 21.43 4.33 30.08
C VAL B 605 21.56 3.39 28.89
N TYR B 606 20.57 3.39 28.00
CA TYR B 606 20.67 2.52 26.83
C TYR B 606 21.83 2.93 25.95
N ARG B 607 22.19 4.21 25.93
CA ARG B 607 23.37 4.63 25.18
C ARG B 607 24.61 4.04 25.80
N HIS B 608 24.73 4.10 27.13
CA HIS B 608 25.83 3.42 27.77
C HIS B 608 25.83 1.94 27.42
N GLN B 609 24.66 1.29 27.48
CA GLN B 609 24.60 -0.15 27.27
C GLN B 609 24.99 -0.51 25.85
N ILE B 610 24.62 0.31 24.88
CA ILE B 610 25.05 0.10 23.50
C ILE B 610 26.55 0.35 23.37
N ILE B 611 27.08 1.29 24.17
CA ILE B 611 28.52 1.52 24.15
C ILE B 611 29.26 0.32 24.72
N ASN B 612 28.67 -0.36 25.68
CA ASN B 612 29.42 -1.27 26.51
C ASN B 612 28.93 -2.71 26.49
N VAL B 613 27.63 -2.96 26.49
CA VAL B 613 27.21 -4.36 26.56
C VAL B 613 26.41 -4.79 25.35
N TYR B 614 25.36 -4.05 25.00
CA TYR B 614 24.41 -4.52 24.01
C TYR B 614 25.06 -4.71 22.65
N ASN B 615 25.00 -5.93 22.14
CA ASN B 615 25.40 -6.26 20.79
C ASN B 615 24.18 -6.27 19.87
N GLN B 616 24.44 -6.18 18.56
CA GLN B 616 23.38 -6.21 17.57
C GLN B 616 23.26 -7.63 17.04
N GLU B 617 22.33 -8.40 17.63
CA GLU B 617 22.07 -9.75 17.16
C GLU B 617 21.72 -9.75 15.67
N TYR B 618 20.95 -8.75 15.23
CA TYR B 618 20.65 -8.53 13.83
C TYR B 618 21.29 -7.23 13.39
N GLU B 619 22.08 -7.29 12.33
CA GLU B 619 22.74 -6.10 11.82
C GLU B 619 21.82 -5.39 10.82
N SER B 620 20.66 -4.99 11.33
CA SER B 620 19.74 -4.22 10.49
C SER B 620 20.35 -2.85 10.18
N ALA B 621 19.67 -2.12 9.32
CA ALA B 621 20.10 -0.78 8.96
C ALA B 621 19.01 0.22 9.34
N ALA B 622 18.53 0.13 10.58
CA ALA B 622 17.41 0.94 11.04
C ALA B 622 16.14 0.62 10.28
N ALA B 623 16.06 -0.61 9.74
CA ALA B 623 14.89 -1.01 8.97
C ALA B 623 13.60 -0.83 9.75
N PHE B 624 13.67 -0.82 11.08
CA PHE B 624 12.48 -0.73 11.91
C PHE B 624 11.92 0.68 11.99
N TRP B 625 12.66 1.69 11.58
CA TRP B 625 12.18 3.05 11.80
C TRP B 625 10.87 3.36 11.11
N PRO B 626 10.58 2.89 9.88
CA PRO B 626 9.21 2.99 9.37
C PRO B 626 8.20 2.57 10.41
N ASP B 627 8.31 1.32 10.89
CA ASP B 627 7.44 0.85 11.96
C ASP B 627 7.35 1.87 13.08
N VAL B 628 8.51 2.20 13.68
CA VAL B 628 8.57 3.20 14.75
C VAL B 628 7.74 4.41 14.37
N HIS B 629 8.05 5.02 13.22
CA HIS B 629 7.27 6.16 12.79
C HIS B 629 5.80 5.80 12.66
N GLY B 630 5.49 4.77 11.86
CA GLY B 630 4.13 4.30 11.70
C GLY B 630 3.44 3.93 13.01
N ARG B 631 4.19 3.81 14.09
CA ARG B 631 3.59 3.63 15.40
C ARG B 631 3.42 4.94 16.15
N VAL B 632 4.46 5.78 16.22
CA VAL B 632 4.31 7.05 16.92
C VAL B 632 3.28 7.91 16.21
N ILE B 633 3.29 7.89 14.87
CA ILE B 633 2.23 8.57 14.12
C ILE B 633 0.87 8.00 14.50
N THR B 634 0.78 6.68 14.65
CA THR B 634 -0.49 6.12 15.12
C THR B 634 -0.77 6.57 16.55
N ALA B 635 0.26 6.68 17.39
CA ALA B 635 0.07 7.32 18.68
C ALA B 635 -0.61 8.67 18.53
N LEU B 636 -0.11 9.49 17.60
CA LEU B 636 -0.75 10.77 17.33
C LEU B 636 -2.22 10.57 17.01
N ILE B 637 -2.53 9.70 16.05
CA ILE B 637 -3.92 9.43 15.71
C ILE B 637 -4.68 9.03 16.97
N ILE B 638 -4.10 8.12 17.75
CA ILE B 638 -4.79 7.64 18.95
C ILE B 638 -4.97 8.77 19.95
N SER B 639 -4.00 9.68 20.02
CA SER B 639 -4.20 10.89 20.82
C SER B 639 -5.42 11.65 20.35
N GLN B 640 -5.47 11.95 19.04
CA GLN B 640 -6.53 12.82 18.53
C GLN B 640 -7.90 12.17 18.65
N LEU B 641 -8.03 10.96 18.10
CA LEU B 641 -9.27 10.21 18.27
C LEU B 641 -9.62 9.98 19.74
N LEU B 642 -8.65 10.14 20.65
CA LEU B 642 -9.00 10.11 22.07
C LEU B 642 -9.33 11.49 22.60
N LEU B 643 -8.58 12.51 22.18
CA LEU B 643 -8.85 13.87 22.65
C LEU B 643 -10.28 14.29 22.29
N MET B 644 -10.72 13.98 21.06
CA MET B 644 -12.13 14.17 20.71
C MET B 644 -13.04 13.49 21.72
N GLY B 645 -12.79 12.20 21.98
CA GLY B 645 -13.55 11.45 22.96
C GLY B 645 -13.53 12.05 24.35
N LEU B 646 -12.63 13.00 24.61
CA LEU B 646 -12.63 13.72 25.88
C LEU B 646 -13.29 15.08 25.78
N LEU B 647 -13.22 15.73 24.62
CA LEU B 647 -13.92 16.98 24.42
C LEU B 647 -15.35 16.78 23.91
N GLY B 648 -15.70 15.56 23.51
CA GLY B 648 -17.05 15.26 23.09
C GLY B 648 -17.96 14.94 24.27
N THR B 649 -17.44 14.19 25.24
CA THR B 649 -18.17 13.91 26.46
C THR B 649 -18.19 15.11 27.41
N LYS B 650 -17.36 16.12 27.16
CA LYS B 650 -17.34 17.34 27.95
C LYS B 650 -18.22 18.44 27.37
N HIS B 651 -18.89 18.17 26.25
CA HIS B 651 -19.80 19.11 25.59
C HIS B 651 -19.07 20.40 25.21
N ALA B 652 -17.99 20.22 24.43
CA ALA B 652 -17.23 21.32 23.83
C ALA B 652 -17.48 21.24 22.33
N ALA B 653 -18.50 21.97 21.87
CA ALA B 653 -18.91 21.86 20.46
C ALA B 653 -17.87 22.44 19.51
N SER B 654 -17.13 23.46 19.95
CA SER B 654 -16.15 24.09 19.08
C SER B 654 -14.87 23.27 18.92
N ALA B 655 -14.67 22.26 19.78
CA ALA B 655 -13.44 21.48 19.72
C ALA B 655 -13.51 20.34 18.72
N ALA B 656 -14.71 19.88 18.36
CA ALA B 656 -14.82 18.74 17.45
C ALA B 656 -14.29 19.01 16.05
N PRO B 657 -14.61 20.13 15.38
CA PRO B 657 -14.14 20.27 14.00
C PRO B 657 -12.64 20.39 13.87
N PHE B 658 -11.99 21.13 14.79
CA PHE B 658 -10.54 21.27 14.70
C PHE B 658 -9.83 19.98 15.07
N LEU B 659 -10.38 19.22 16.03
CA LEU B 659 -9.86 17.90 16.34
C LEU B 659 -10.26 16.85 15.32
N ILE B 660 -11.08 17.20 14.34
CA ILE B 660 -11.26 16.36 13.16
C ILE B 660 -10.23 16.69 12.10
N ALA B 661 -10.02 17.99 11.87
CA ALA B 661 -9.01 18.43 10.91
C ALA B 661 -7.59 18.07 11.36
N LEU B 662 -7.38 17.87 12.67
CA LEU B 662 -6.02 17.57 13.14
C LEU B 662 -5.55 16.19 12.72
N PRO B 663 -6.22 15.09 13.10
CA PRO B 663 -5.72 13.77 12.69
C PRO B 663 -5.77 13.56 11.19
N VAL B 664 -6.60 14.33 10.47
CA VAL B 664 -6.56 14.30 9.01
C VAL B 664 -5.19 14.76 8.52
N ILE B 665 -4.72 15.91 9.01
CA ILE B 665 -3.41 16.38 8.57
C ILE B 665 -2.30 15.50 9.14
N THR B 666 -2.53 14.87 10.30
CA THR B 666 -1.51 13.98 10.84
C THR B 666 -1.34 12.73 9.97
N ILE B 667 -2.46 12.12 9.55
CA ILE B 667 -2.35 10.93 8.72
C ILE B 667 -1.91 11.30 7.31
N GLY B 668 -2.26 12.49 6.83
CA GLY B 668 -1.72 12.95 5.56
C GLY B 668 -0.24 13.22 5.64
N PHE B 669 0.22 13.70 6.79
CA PHE B 669 1.64 13.89 7.00
C PHE B 669 2.37 12.56 7.08
N HIS B 670 1.76 11.56 7.72
CA HIS B 670 2.33 10.22 7.72
C HIS B 670 2.41 9.67 6.31
N ARG B 671 1.39 9.94 5.48
CA ARG B 671 1.47 9.54 4.07
C ARG B 671 2.61 10.27 3.35
N PHE B 672 2.79 11.55 3.66
CA PHE B 672 3.92 12.30 3.10
C PHE B 672 5.24 11.65 3.45
N CYS B 673 5.47 11.42 4.74
CA CYS B 673 6.74 10.84 5.18
C CYS B 673 6.91 9.43 4.64
N LYS B 674 5.81 8.67 4.56
CA LYS B 674 5.86 7.38 3.91
C LYS B 674 6.41 7.52 2.50
N GLY B 675 5.66 8.19 1.62
CA GLY B 675 6.07 8.31 0.24
C GLY B 675 7.38 9.02 0.04
N ARG B 676 7.84 9.77 1.05
CA ARG B 676 9.05 10.59 0.90
C ARG B 676 10.31 9.95 1.49
N PHE B 677 10.21 9.04 2.48
CA PHE B 677 11.39 8.38 3.00
C PHE B 677 11.26 6.87 3.17
N GLU B 678 10.05 6.30 3.31
CA GLU B 678 9.97 4.85 3.39
C GLU B 678 10.73 4.17 2.28
N PRO B 679 10.79 4.68 1.04
CA PRO B 679 11.70 4.09 0.05
C PRO B 679 13.15 4.04 0.49
N ALA B 680 13.55 4.81 1.51
CA ALA B 680 14.92 4.70 1.97
C ALA B 680 15.15 3.43 2.79
N PHE B 681 14.11 2.92 3.46
CA PHE B 681 14.22 1.72 4.27
C PHE B 681 13.71 0.49 3.54
N VAL B 682 12.45 0.51 3.12
CA VAL B 682 11.80 -0.68 2.60
C VAL B 682 12.34 -1.07 1.21
N ARG B 683 12.90 -0.13 0.46
CA ARG B 683 13.34 -0.39 -0.91
C ARG B 683 14.76 0.13 -1.09
N TYR B 684 15.75 -0.76 -0.98
CA TYR B 684 17.13 -0.40 -1.24
C TYR B 684 17.29 0.12 -2.67
N PRO B 685 17.53 1.42 -2.86
CA PRO B 685 17.45 1.99 -4.20
C PRO B 685 18.58 1.49 -5.11
N LEU B 686 18.30 1.55 -6.41
CA LEU B 686 19.24 0.99 -7.38
C LEU B 686 20.48 1.86 -7.53
N GLN B 687 20.34 3.18 -7.44
CA GLN B 687 21.52 4.03 -7.56
C GLN B 687 22.47 3.81 -6.41
N GLU B 688 21.94 3.70 -5.19
CA GLU B 688 22.78 3.35 -4.05
C GLU B 688 23.49 2.03 -4.28
N ALA B 689 22.75 1.02 -4.72
CA ALA B 689 23.33 -0.29 -4.96
C ALA B 689 24.47 -0.21 -5.96
N MET B 690 24.23 0.40 -7.13
CA MET B 690 25.24 0.40 -8.18
C MET B 690 26.43 1.27 -7.80
N MET B 691 26.19 2.41 -7.14
CA MET B 691 27.29 3.26 -6.69
C MET B 691 28.18 2.52 -5.70
N LYS B 692 27.57 1.91 -4.68
CA LYS B 692 28.34 1.14 -3.72
C LYS B 692 29.06 -0.02 -4.39
N ASP B 693 28.42 -0.64 -5.38
CA ASP B 693 29.02 -1.79 -6.05
C ASP B 693 30.24 -1.38 -6.87
N THR B 694 30.14 -0.25 -7.59
CA THR B 694 31.29 0.22 -8.34
C THR B 694 32.42 0.65 -7.42
N LEU B 695 32.09 1.26 -6.27
CA LEU B 695 33.14 1.60 -5.31
C LEU B 695 33.84 0.35 -4.79
N GLU B 696 33.06 -0.70 -4.47
CA GLU B 696 33.65 -1.93 -3.96
C GLU B 696 34.51 -2.61 -5.03
N ARG B 697 34.05 -2.60 -6.29
CA ARG B 697 34.86 -3.19 -7.35
C ARG B 697 36.11 -2.37 -7.63
N ALA B 698 36.05 -1.05 -7.41
CA ALA B 698 37.25 -0.24 -7.52
C ALA B 698 38.24 -0.58 -6.41
N ARG B 699 37.75 -0.88 -5.21
CA ARG B 699 38.65 -1.20 -4.10
C ARG B 699 39.21 -2.62 -4.23
N GLU B 700 38.33 -3.61 -4.38
CA GLU B 700 38.72 -5.02 -4.42
C GLU B 700 38.40 -5.56 -5.81
N PRO B 701 39.36 -5.55 -6.74
CA PRO B 701 39.03 -5.81 -8.16
C PRO B 701 38.76 -7.25 -8.51
N ASN B 702 39.30 -8.23 -7.79
CA ASN B 702 38.95 -9.63 -8.04
C ASN B 702 37.69 -10.02 -7.27
N LEU B 703 37.75 -9.96 -5.95
CA LEU B 703 36.62 -9.98 -5.03
C LEU B 703 35.91 -11.32 -4.90
N ASN B 704 36.19 -12.27 -5.81
CA ASN B 704 36.02 -13.71 -5.63
C ASN B 704 34.87 -14.09 -4.69
N LEU B 705 33.70 -13.50 -4.85
CA LEU B 705 32.68 -13.61 -3.82
C LEU B 705 31.68 -14.74 -4.08
N LYS B 706 31.93 -15.60 -5.08
CA LYS B 706 31.05 -16.74 -5.29
C LYS B 706 31.13 -17.71 -4.12
N GLY B 707 32.33 -18.16 -3.77
CA GLY B 707 32.47 -19.05 -2.63
C GLY B 707 32.00 -18.41 -1.34
N TYR B 708 32.35 -17.14 -1.14
CA TYR B 708 31.96 -16.44 0.09
C TYR B 708 30.45 -16.37 0.23
N LEU B 709 29.75 -15.98 -0.84
CA LEU B 709 28.30 -15.85 -0.76
C LEU B 709 27.62 -17.22 -0.66
N GLN B 710 28.12 -18.23 -1.39
CA GLN B 710 27.45 -19.53 -1.34
C GLN B 710 27.71 -20.23 -0.01
N ASP B 711 28.81 -19.90 0.67
CA ASP B 711 29.04 -20.45 2.00
C ASP B 711 28.37 -19.63 3.09
N ALA B 712 27.97 -18.39 2.79
CA ALA B 712 27.35 -17.54 3.80
C ALA B 712 26.05 -18.15 4.33
N TYR B 713 25.07 -18.35 3.46
CA TYR B 713 23.73 -18.77 3.89
C TYR B 713 23.55 -20.28 3.89
N ILE B 714 24.50 -21.02 4.42
CA ILE B 714 24.29 -22.44 4.48
C ILE B 714 23.31 -22.55 5.63
N HIS B 715 23.79 -23.05 6.75
CA HIS B 715 23.03 -23.18 7.99
C HIS B 715 24.01 -23.32 9.17
N PRO B 716 23.53 -23.18 10.40
CA PRO B 716 24.42 -23.35 11.53
C PRO B 716 24.92 -24.78 11.48
N VAL B 717 26.23 -24.94 11.58
CA VAL B 717 26.87 -26.25 11.48
C VAL B 717 28.10 -26.31 12.36
#